data_5C2N
#
_entry.id   5C2N
#
_cell.length_a   112.219
_cell.length_b   112.219
_cell.length_c   107.290
_cell.angle_alpha   90.00
_cell.angle_beta   90.00
_cell.angle_gamma   120.00
#
_symmetry.space_group_name_H-M   'P 31 1 2'
#
loop_
_entity.id
_entity.type
_entity.pdbx_description
1 polymer 'Beta propeller'
2 non-polymer 2-acetamido-2-deoxy-beta-D-glucopyranose
3 water water
#
_entity_poly.entity_id   1
_entity_poly.type   'polypeptide(L)'
_entity_poly.pdbx_seq_one_letter_code
;MSGFKFLFFSPDGTLYGVHNDKLYKGTPPTSDNDNWLARATLIGNGGW
;
_entity_poly.pdbx_strand_id   A,B,C,D,E,F,G,H,I,J,K,L,M,N,O
#
# COMPACT_ATOMS: atom_id res chain seq x y z
N GLY A 3 21.93 -13.29 -12.80
CA GLY A 3 21.30 -11.97 -12.80
C GLY A 3 21.18 -11.45 -11.35
N PHE A 4 20.44 -10.37 -11.16
CA PHE A 4 20.34 -9.71 -9.90
C PHE A 4 19.13 -10.23 -9.14
N LYS A 5 19.27 -10.19 -7.82
CA LYS A 5 18.20 -10.52 -6.90
C LYS A 5 17.40 -9.27 -6.57
N PHE A 6 18.08 -8.13 -6.49
CA PHE A 6 17.46 -6.81 -6.25
C PHE A 6 18.15 -5.80 -7.17
N LEU A 7 17.38 -4.82 -7.63
CA LEU A 7 17.97 -3.77 -8.52
C LEU A 7 17.14 -2.53 -8.45
N PHE A 8 17.72 -1.44 -7.93
CA PHE A 8 16.90 -0.30 -7.45
C PHE A 8 17.74 0.94 -7.31
N PHE A 9 17.09 2.10 -7.24
CA PHE A 9 17.78 3.33 -7.16
C PHE A 9 17.76 3.91 -5.75
N SER A 10 18.81 4.63 -5.42
CA SER A 10 18.80 5.54 -4.31
C SER A 10 18.25 6.91 -4.78
N PRO A 11 17.79 7.74 -3.84
CA PRO A 11 17.18 8.97 -4.24
C PRO A 11 18.17 10.00 -4.92
N ASP A 12 19.48 9.83 -4.74
CA ASP A 12 20.48 10.67 -5.42
C ASP A 12 20.80 10.15 -6.86
N GLY A 13 20.15 9.06 -7.25
CA GLY A 13 20.26 8.59 -8.62
C GLY A 13 21.37 7.56 -8.84
N THR A 14 21.89 7.00 -7.76
CA THR A 14 22.81 5.92 -7.87
C THR A 14 22.05 4.56 -7.96
N LEU A 15 22.48 3.72 -8.89
CA LEU A 15 21.92 2.35 -9.06
C LEU A 15 22.54 1.37 -8.07
N TYR A 16 21.69 0.60 -7.38
CA TYR A 16 22.11 -0.42 -6.43
C TYR A 16 21.65 -1.76 -6.94
N GLY A 17 22.43 -2.81 -6.66
CA GLY A 17 22.02 -4.15 -7.00
C GLY A 17 22.67 -5.21 -6.18
N VAL A 18 21.91 -6.28 -5.93
CA VAL A 18 22.45 -7.44 -5.24
C VAL A 18 22.64 -8.48 -6.31
N HIS A 19 23.85 -9.03 -6.42
CA HIS A 19 24.21 -10.02 -7.44
C HIS A 19 25.05 -11.07 -6.70
N ASN A 20 24.71 -12.36 -6.86
CA ASN A 20 25.45 -13.45 -6.19
C ASN A 20 25.71 -13.13 -4.71
N ASP A 21 24.65 -12.62 -4.03
CA ASP A 21 24.64 -12.38 -2.58
C ASP A 21 25.46 -11.16 -2.17
N LYS A 22 26.00 -10.39 -3.13
CA LYS A 22 26.86 -9.25 -2.87
C LYS A 22 26.15 -7.98 -3.26
N LEU A 23 26.53 -6.86 -2.65
CA LEU A 23 25.90 -5.56 -2.91
C LEU A 23 26.83 -4.63 -3.64
N TYR A 24 26.27 -4.04 -4.70
CA TYR A 24 27.00 -3.12 -5.58
C TYR A 24 26.22 -1.83 -5.77
N LYS A 25 26.96 -0.75 -6.04
CA LYS A 25 26.36 0.44 -6.50
C LYS A 25 27.19 1.13 -7.57
N GLY A 26 26.53 2.02 -8.31
CA GLY A 26 27.22 2.80 -9.28
C GLY A 26 26.26 3.64 -10.10
N THR A 27 26.79 4.73 -10.67
CA THR A 27 26.01 5.46 -11.65
C THR A 27 25.49 4.43 -12.68
N PRO A 28 24.23 4.59 -13.08
CA PRO A 28 23.63 3.60 -13.92
C PRO A 28 24.28 3.66 -15.33
N PRO A 29 24.14 2.58 -16.04
CA PRO A 29 24.77 2.49 -17.37
C PRO A 29 24.07 3.38 -18.39
N THR A 30 24.86 3.92 -19.31
CA THR A 30 24.37 4.84 -20.28
C THR A 30 24.20 4.20 -21.66
N SER A 31 24.84 3.06 -21.91
CA SER A 31 24.66 2.36 -23.17
C SER A 31 24.99 0.92 -22.90
N ASP A 32 24.68 0.03 -23.85
CA ASP A 32 24.98 -1.38 -23.71
C ASP A 32 26.48 -1.65 -23.92
N ASN A 33 27.25 -0.60 -24.23
CA ASN A 33 28.73 -0.71 -24.26
C ASN A 33 29.32 -0.73 -22.85
N ASP A 34 28.52 -0.35 -21.86
CA ASP A 34 28.99 0.03 -20.51
C ASP A 34 28.81 -1.18 -19.56
N ASN A 35 29.91 -1.85 -19.22
CA ASN A 35 29.93 -3.01 -18.34
C ASN A 35 29.77 -2.53 -16.90
N TRP A 36 28.52 -2.40 -16.47
CA TRP A 36 28.25 -1.79 -15.16
C TRP A 36 28.81 -2.59 -14.05
N LEU A 37 28.62 -3.88 -14.10
CA LEU A 37 29.07 -4.72 -12.98
C LEU A 37 30.61 -4.67 -12.85
N ALA A 38 31.32 -4.52 -13.98
CA ALA A 38 32.80 -4.48 -13.95
C ALA A 38 33.37 -3.20 -13.31
N ARG A 39 32.58 -2.13 -13.29
CA ARG A 39 32.99 -0.85 -12.65
C ARG A 39 32.20 -0.44 -11.39
N ALA A 40 31.09 -1.12 -11.06
CA ALA A 40 30.34 -0.84 -9.80
C ALA A 40 31.23 -0.94 -8.59
N THR A 41 30.91 -0.13 -7.57
CA THR A 41 31.61 -0.24 -6.26
C THR A 41 31.05 -1.45 -5.46
N LEU A 42 31.94 -2.33 -5.04
CA LEU A 42 31.54 -3.42 -4.15
C LEU A 42 31.29 -2.87 -2.77
N ILE A 43 30.03 -2.93 -2.30
CA ILE A 43 29.74 -2.43 -0.98
C ILE A 43 29.22 -3.46 0.02
N GLY A 44 29.26 -4.71 -0.38
CA GLY A 44 28.94 -5.79 0.56
C GLY A 44 29.36 -7.11 -0.05
N ASN A 45 30.09 -7.90 0.73
CA ASN A 45 30.67 -9.12 0.18
C ASN A 45 29.85 -10.38 0.39
N GLY A 46 28.70 -10.24 1.05
CA GLY A 46 27.82 -11.37 1.31
C GLY A 46 26.65 -11.03 2.21
N GLY A 47 25.75 -11.99 2.32
CA GLY A 47 24.58 -11.85 3.25
C GLY A 47 23.36 -11.11 2.74
N TRP A 48 23.39 -10.66 1.47
CA TRP A 48 22.33 -9.83 0.89
C TRP A 48 21.27 -10.68 0.18
N SER B 2 1.97 14.68 -7.65
CA SER B 2 1.55 14.08 -8.94
C SER B 2 0.79 15.11 -9.80
N GLY B 3 1.05 15.11 -11.09
CA GLY B 3 0.39 16.04 -12.03
C GLY B 3 0.73 17.51 -11.83
N PHE B 4 -0.28 18.37 -12.02
CA PHE B 4 -0.10 19.84 -12.07
C PHE B 4 -0.37 20.47 -10.72
N LYS B 5 0.34 21.56 -10.40
CA LYS B 5 0.08 22.30 -9.18
C LYS B 5 -0.93 23.40 -9.46
N PHE B 6 -0.85 23.98 -10.66
CA PHE B 6 -1.86 24.95 -11.15
C PHE B 6 -2.24 24.58 -12.60
N LEU B 7 -3.50 24.85 -12.98
CA LEU B 7 -3.99 24.60 -14.33
C LEU B 7 -5.12 25.52 -14.60
N PHE B 8 -4.92 26.41 -15.61
CA PHE B 8 -5.87 27.51 -15.78
C PHE B 8 -5.76 28.19 -17.11
N PHE B 9 -6.77 28.97 -17.50
CA PHE B 9 -6.79 29.61 -18.82
C PHE B 9 -6.41 31.07 -18.78
N SER B 10 -5.69 31.54 -19.81
CA SER B 10 -5.63 32.97 -20.10
C SER B 10 -6.88 33.36 -20.88
N PRO B 11 -7.20 34.63 -20.87
CA PRO B 11 -8.45 35.06 -21.49
C PRO B 11 -8.44 34.92 -22.99
N ASP B 12 -7.25 34.69 -23.57
CA ASP B 12 -7.18 34.44 -25.00
C ASP B 12 -7.40 32.97 -25.36
N GLY B 13 -7.68 32.13 -24.34
CA GLY B 13 -8.02 30.72 -24.54
C GLY B 13 -6.85 29.77 -24.48
N THR B 14 -5.67 30.27 -24.11
CA THR B 14 -4.50 29.43 -23.97
C THR B 14 -4.52 28.72 -22.61
N LEU B 15 -4.16 27.46 -22.58
CA LEU B 15 -4.03 26.72 -21.32
C LEU B 15 -2.68 26.91 -20.70
N TYR B 16 -2.65 27.27 -19.43
CA TYR B 16 -1.39 27.38 -18.71
C TYR B 16 -1.37 26.33 -17.61
N GLY B 17 -0.18 25.85 -17.30
CA GLY B 17 -0.02 24.92 -16.16
C GLY B 17 1.32 25.03 -15.49
N VAL B 18 1.35 24.76 -14.19
CA VAL B 18 2.62 24.63 -13.46
C VAL B 18 2.78 23.15 -13.16
N HIS B 19 3.91 22.62 -13.58
CA HIS B 19 4.15 21.21 -13.43
C HIS B 19 5.63 21.07 -13.02
N ASN B 20 5.90 20.36 -11.91
CA ASN B 20 7.28 20.21 -11.42
C ASN B 20 8.06 21.57 -11.33
N ASP B 21 7.38 22.57 -10.81
CA ASP B 21 7.89 23.95 -10.56
C ASP B 21 8.12 24.83 -11.81
N LYS B 22 7.70 24.30 -12.96
CA LYS B 22 7.91 24.90 -14.27
C LYS B 22 6.58 25.36 -14.83
N LEU B 23 6.65 26.41 -15.65
CA LEU B 23 5.45 26.95 -16.27
C LEU B 23 5.37 26.60 -17.71
N TYR B 24 4.19 26.11 -18.10
CA TYR B 24 3.86 25.77 -19.50
C TYR B 24 2.59 26.45 -20.03
N LYS B 25 2.54 26.64 -21.36
CA LYS B 25 1.30 27.07 -22.02
C LYS B 25 1.12 26.38 -23.33
N GLY B 26 -0.13 26.33 -23.79
CA GLY B 26 -0.41 25.84 -25.13
C GLY B 26 -1.87 25.75 -25.37
N THR B 27 -2.25 25.53 -26.63
CA THR B 27 -3.65 25.30 -26.91
C THR B 27 -4.06 24.07 -26.13
N PRO B 28 -5.26 24.09 -25.56
CA PRO B 28 -5.72 22.95 -24.76
C PRO B 28 -5.93 21.71 -25.62
N PRO B 29 -5.80 20.54 -25.02
CA PRO B 29 -5.99 19.31 -25.81
C PRO B 29 -7.45 19.08 -26.17
N THR B 30 -7.71 18.38 -27.28
CA THR B 30 -9.06 18.07 -27.72
C THR B 30 -9.39 16.56 -27.69
N SER B 31 -8.37 15.71 -27.50
CA SER B 31 -8.62 14.29 -27.21
C SER B 31 -7.50 13.72 -26.36
N ASP B 32 -7.75 12.56 -25.77
CA ASP B 32 -6.76 11.98 -24.88
C ASP B 32 -5.59 11.41 -25.69
N ASN B 33 -5.64 11.48 -27.01
CA ASN B 33 -4.49 11.10 -27.83
C ASN B 33 -3.45 12.22 -27.96
N ASP B 34 -3.80 13.39 -27.44
CA ASP B 34 -2.93 14.55 -27.53
C ASP B 34 -2.06 14.64 -26.25
N ASN B 35 -0.74 14.42 -26.38
CA ASN B 35 0.16 14.50 -25.23
C ASN B 35 0.55 15.96 -25.03
N TRP B 36 -0.22 16.62 -24.20
CA TRP B 36 -0.18 18.08 -24.10
C TRP B 36 1.16 18.57 -23.56
N LEU B 37 1.61 17.94 -22.48
CA LEU B 37 2.86 18.37 -21.82
C LEU B 37 4.07 18.21 -22.74
N ALA B 38 4.09 17.19 -23.61
CA ALA B 38 5.17 17.01 -24.60
C ALA B 38 5.20 18.11 -25.68
N ARG B 39 4.07 18.77 -25.95
CA ARG B 39 3.99 19.78 -27.01
C ARG B 39 3.79 21.20 -26.44
N ALA B 40 3.56 21.30 -25.14
CA ALA B 40 3.32 22.60 -24.54
C ALA B 40 4.57 23.47 -24.59
N THR B 41 4.42 24.82 -24.71
CA THR B 41 5.61 25.69 -24.74
C THR B 41 6.13 25.87 -23.31
N LEU B 42 7.41 25.56 -23.08
CA LEU B 42 8.07 25.82 -21.81
C LEU B 42 8.32 27.37 -21.72
N ILE B 43 7.66 28.00 -20.77
CA ILE B 43 7.84 29.45 -20.57
C ILE B 43 8.36 29.86 -19.15
N GLY B 44 8.68 28.91 -18.29
CA GLY B 44 9.32 29.20 -16.99
C GLY B 44 10.08 27.96 -16.52
N ASN B 45 11.36 28.10 -16.18
CA ASN B 45 12.19 26.91 -15.91
C ASN B 45 12.26 26.55 -14.41
N GLY B 46 11.56 27.30 -13.53
CA GLY B 46 11.61 27.05 -12.10
C GLY B 46 11.01 28.19 -11.32
N GLY B 47 10.77 27.96 -10.04
CA GLY B 47 10.26 29.00 -9.14
C GLY B 47 8.76 29.16 -9.00
N TRP B 48 8.00 28.35 -9.77
CA TRP B 48 6.55 28.44 -9.88
C TRP B 48 5.83 27.59 -8.83
N SER C 2 8.46 -14.31 -19.81
CA SER C 2 7.24 -13.48 -19.90
C SER C 2 7.41 -12.16 -19.10
N GLY C 3 7.21 -11.05 -19.76
CA GLY C 3 7.19 -9.74 -19.06
C GLY C 3 8.52 -9.32 -18.49
N PHE C 4 8.50 -8.44 -17.53
CA PHE C 4 9.72 -7.94 -16.91
C PHE C 4 10.09 -8.65 -15.63
N LYS C 5 11.38 -8.61 -15.31
CA LYS C 5 11.89 -9.16 -14.08
C LYS C 5 11.97 -8.10 -12.99
N PHE C 6 12.32 -6.88 -13.41
CA PHE C 6 12.32 -5.70 -12.54
C PHE C 6 11.74 -4.56 -13.35
N LEU C 7 10.98 -3.68 -12.66
CA LEU C 7 10.43 -2.50 -13.29
C LEU C 7 10.32 -1.41 -12.24
N PHE C 8 11.03 -0.30 -12.44
CA PHE C 8 11.24 0.68 -11.33
C PHE C 8 11.65 2.02 -11.90
N PHE C 9 11.46 3.06 -11.09
CA PHE C 9 11.84 4.43 -11.49
C PHE C 9 13.21 4.88 -10.94
N SER C 10 13.95 5.64 -11.74
CA SER C 10 15.03 6.47 -11.20
C SER C 10 14.42 7.76 -10.69
N PRO C 11 15.14 8.49 -9.80
CA PRO C 11 14.47 9.63 -9.17
C PRO C 11 14.29 10.81 -10.11
N ASP C 12 14.96 10.81 -11.27
CA ASP C 12 14.68 11.82 -12.33
C ASP C 12 13.43 11.48 -13.16
N GLY C 13 12.76 10.37 -12.85
CA GLY C 13 11.48 10.00 -13.50
C GLY C 13 11.66 9.12 -14.78
N THR C 14 12.84 8.54 -14.99
CA THR C 14 13.02 7.61 -16.04
C THR C 14 12.61 6.18 -15.57
N LEU C 15 11.85 5.49 -16.40
CA LEU C 15 11.45 4.14 -16.10
C LEU C 15 12.56 3.15 -16.59
N TYR C 16 12.93 2.24 -15.70
CA TYR C 16 13.89 1.21 -15.94
C TYR C 16 13.17 -0.13 -15.85
N GLY C 17 13.67 -1.02 -16.70
CA GLY C 17 13.15 -2.37 -16.72
C GLY C 17 14.20 -3.36 -17.15
N VAL C 18 14.10 -4.53 -16.53
CA VAL C 18 14.91 -5.69 -16.92
C VAL C 18 13.98 -6.63 -17.63
N HIS C 19 14.36 -7.01 -18.88
CA HIS C 19 13.48 -7.76 -19.75
C HIS C 19 14.36 -8.69 -20.55
N ASN C 20 14.10 -10.00 -20.51
CA ASN C 20 14.94 -11.01 -21.20
C ASN C 20 16.45 -10.79 -20.93
N ASP C 21 16.75 -10.60 -19.62
CA ASP C 21 18.10 -10.40 -19.07
C ASP C 21 18.80 -9.09 -19.52
N LYS C 22 18.06 -8.22 -20.18
CA LYS C 22 18.62 -6.96 -20.73
C LYS C 22 18.06 -5.78 -19.96
N LEU C 23 18.83 -4.70 -19.90
CA LEU C 23 18.36 -3.51 -19.20
C LEU C 23 17.94 -2.43 -20.20
N TYR C 24 16.83 -1.78 -19.90
CA TYR C 24 16.23 -0.74 -20.71
C TYR C 24 15.85 0.41 -19.86
N LYS C 25 15.80 1.61 -20.46
CA LYS C 25 15.23 2.76 -19.83
C LYS C 25 14.56 3.66 -20.86
N GLY C 26 13.62 4.47 -20.39
CA GLY C 26 12.97 5.44 -21.23
C GLY C 26 11.94 6.17 -20.42
N THR C 27 11.47 7.28 -20.97
CA THR C 27 10.32 7.93 -20.32
C THR C 27 9.17 6.95 -20.22
N PRO C 28 8.34 7.03 -19.16
CA PRO C 28 7.33 6.00 -19.08
C PRO C 28 6.29 6.14 -20.19
N PRO C 29 5.55 5.05 -20.51
CA PRO C 29 4.53 5.23 -21.53
C PRO C 29 3.34 6.08 -21.06
N THR C 30 2.76 6.83 -22.01
CA THR C 30 1.63 7.71 -21.70
C THR C 30 0.29 7.14 -22.03
N SER C 31 0.25 6.11 -22.88
CA SER C 31 -1.00 5.35 -23.04
C SER C 31 -0.69 3.96 -23.55
N ASP C 32 -1.75 3.17 -23.67
CA ASP C 32 -1.66 1.86 -24.32
C ASP C 32 -1.21 1.87 -25.81
N ASN C 33 -1.21 3.04 -26.46
CA ASN C 33 -0.71 3.14 -27.86
C ASN C 33 0.76 3.38 -27.94
N ASP C 34 1.38 3.48 -26.74
CA ASP C 34 2.77 3.75 -26.62
C ASP C 34 3.49 2.44 -26.41
N ASN C 35 4.11 1.97 -27.49
CA ASN C 35 4.96 0.76 -27.43
C ASN C 35 6.31 1.07 -26.80
N TRP C 36 6.37 0.89 -25.51
CA TRP C 36 7.53 1.32 -24.73
C TRP C 36 8.76 0.51 -25.06
N LEU C 37 8.62 -0.81 -25.03
CA LEU C 37 9.76 -1.67 -25.26
C LEU C 37 10.40 -1.37 -26.62
N ALA C 38 9.60 -1.11 -27.65
CA ALA C 38 10.12 -0.75 -29.00
C ALA C 38 10.89 0.59 -29.06
N ARG C 39 10.63 1.52 -28.15
CA ARG C 39 11.37 2.82 -28.14
C ARG C 39 12.39 2.97 -26.97
N ALA C 40 12.39 2.04 -26.04
CA ALA C 40 13.21 2.21 -24.86
C ALA C 40 14.68 2.06 -25.27
N THR C 41 15.56 2.77 -24.57
CA THR C 41 16.96 2.72 -24.81
C THR C 41 17.57 1.49 -24.16
N LEU C 42 18.19 0.68 -25.01
CA LEU C 42 18.95 -0.45 -24.53
C LEU C 42 20.20 0.03 -23.81
N ILE C 43 20.34 -0.31 -22.53
CA ILE C 43 21.47 0.17 -21.71
C ILE C 43 22.21 -1.01 -21.09
N GLY C 44 21.90 -2.23 -21.50
CA GLY C 44 22.60 -3.40 -21.08
C GLY C 44 22.15 -4.61 -21.86
N ASN C 45 23.12 -5.32 -22.42
CA ASN C 45 22.85 -6.45 -23.32
C ASN C 45 22.76 -7.84 -22.68
N GLY C 46 22.83 -7.91 -21.35
CA GLY C 46 22.82 -9.17 -20.63
C GLY C 46 23.34 -9.05 -19.22
N GLY C 47 23.20 -10.14 -18.47
CA GLY C 47 23.69 -10.21 -17.07
C GLY C 47 22.75 -9.68 -15.98
N TRP C 48 21.62 -9.13 -16.39
CA TRP C 48 20.66 -8.50 -15.43
C TRP C 48 19.73 -9.53 -14.85
N GLY D 3 -13.39 13.67 -5.23
CA GLY D 3 -13.85 14.81 -6.08
C GLY D 3 -12.85 15.33 -7.13
N PHE D 4 -13.12 16.51 -7.68
CA PHE D 4 -12.20 17.11 -8.70
C PHE D 4 -11.00 17.73 -8.01
N LYS D 5 -9.89 17.73 -8.71
CA LYS D 5 -8.67 18.41 -8.27
C LYS D 5 -8.65 19.86 -8.79
N PHE D 6 -9.16 20.05 -10.00
CA PHE D 6 -9.28 21.38 -10.65
C PHE D 6 -10.65 21.43 -11.31
N LEU D 7 -11.24 22.61 -11.32
CA LEU D 7 -12.53 22.84 -11.94
C LEU D 7 -12.66 24.31 -12.30
N PHE D 8 -12.76 24.59 -13.61
CA PHE D 8 -12.45 25.95 -14.09
C PHE D 8 -13.01 26.16 -15.52
N PHE D 9 -13.23 27.42 -15.94
CA PHE D 9 -13.77 27.75 -17.24
C PHE D 9 -12.70 28.18 -18.21
N SER D 10 -12.88 27.80 -19.48
CA SER D 10 -12.26 28.50 -20.59
C SER D 10 -13.01 29.79 -20.90
N PRO D 11 -12.32 30.76 -21.50
CA PRO D 11 -13.04 32.01 -21.82
C PRO D 11 -14.26 31.90 -22.81
N ASP D 12 -14.31 30.84 -23.63
CA ASP D 12 -15.44 30.53 -24.51
C ASP D 12 -16.60 29.92 -23.73
N GLY D 13 -16.42 29.74 -22.44
CA GLY D 13 -17.50 29.22 -21.59
C GLY D 13 -17.60 27.67 -21.44
N THR D 14 -16.58 26.95 -21.84
CA THR D 14 -16.54 25.50 -21.64
C THR D 14 -16.01 25.24 -20.23
N LEU D 15 -16.68 24.37 -19.48
CA LEU D 15 -16.17 23.90 -18.19
C LEU D 15 -15.14 22.80 -18.38
N TYR D 16 -14.05 22.95 -17.69
CA TYR D 16 -12.95 22.00 -17.62
C TYR D 16 -12.85 21.50 -16.16
N GLY D 17 -12.49 20.24 -15.99
CA GLY D 17 -12.13 19.70 -14.67
C GLY D 17 -11.14 18.54 -14.76
N VAL D 18 -10.34 18.41 -13.71
CA VAL D 18 -9.47 17.26 -13.56
C VAL D 18 -10.07 16.37 -12.49
N HIS D 19 -10.32 15.12 -12.89
CA HIS D 19 -10.94 14.16 -11.99
C HIS D 19 -10.28 12.79 -12.21
N ASN D 20 -9.85 12.17 -11.12
CA ASN D 20 -9.04 10.95 -11.21
C ASN D 20 -7.92 11.03 -12.21
N ASP D 21 -7.18 12.14 -12.19
CA ASP D 21 -5.94 12.30 -12.99
C ASP D 21 -6.20 12.55 -14.48
N LYS D 22 -7.48 12.70 -14.83
CA LYS D 22 -7.96 12.84 -16.20
C LYS D 22 -8.53 14.25 -16.37
N LEU D 23 -8.40 14.77 -17.63
CA LEU D 23 -8.85 16.11 -18.00
C LEU D 23 -10.14 15.95 -18.87
N TYR D 24 -11.19 16.67 -18.47
CA TYR D 24 -12.53 16.62 -19.08
C TYR D 24 -12.93 18.02 -19.44
N LYS D 25 -13.60 18.17 -20.60
CA LYS D 25 -14.33 19.44 -20.88
C LYS D 25 -15.80 19.22 -21.26
N GLY D 26 -16.61 20.26 -21.11
CA GLY D 26 -18.02 20.17 -21.50
C GLY D 26 -18.79 21.44 -21.22
N THR D 27 -19.94 21.59 -21.84
CA THR D 27 -20.80 22.69 -21.43
C THR D 27 -21.12 22.36 -19.97
N PRO D 28 -21.20 23.37 -19.11
CA PRO D 28 -21.48 23.15 -17.70
C PRO D 28 -22.85 22.55 -17.45
N PRO D 29 -22.96 21.81 -16.35
CA PRO D 29 -24.24 21.16 -16.05
C PRO D 29 -25.30 22.17 -15.79
N THR D 30 -26.51 21.85 -16.21
CA THR D 30 -27.62 22.82 -16.03
C THR D 30 -28.62 22.53 -14.88
N SER D 31 -28.53 21.36 -14.27
CA SER D 31 -29.37 21.00 -13.12
C SER D 31 -28.79 19.80 -12.37
N ASP D 32 -29.33 19.54 -11.18
CA ASP D 32 -28.93 18.34 -10.40
C ASP D 32 -29.20 17.01 -11.16
N ASN D 33 -30.01 16.99 -12.24
CA ASN D 33 -30.25 15.78 -13.08
C ASN D 33 -29.14 15.53 -14.20
N ASP D 34 -28.26 16.50 -14.38
CA ASP D 34 -27.30 16.48 -15.49
C ASP D 34 -26.02 15.77 -15.00
N ASN D 35 -25.80 14.54 -15.45
CA ASN D 35 -24.61 13.79 -15.09
C ASN D 35 -23.43 14.22 -15.95
N TRP D 36 -22.71 15.19 -15.41
CA TRP D 36 -21.65 15.86 -16.18
C TRP D 36 -20.55 14.88 -16.62
N LEU D 37 -20.02 14.14 -15.65
CA LEU D 37 -18.92 13.20 -15.94
C LEU D 37 -19.29 12.13 -16.97
N ALA D 38 -20.54 11.74 -17.02
CA ALA D 38 -21.01 10.78 -18.02
C ALA D 38 -21.04 11.34 -19.42
N ARG D 39 -21.21 12.67 -19.57
CA ARG D 39 -21.21 13.28 -20.92
C ARG D 39 -20.00 14.10 -21.30
N ALA D 40 -19.09 14.40 -20.35
CA ALA D 40 -18.01 15.35 -20.66
C ALA D 40 -17.04 14.70 -21.62
N THR D 41 -16.34 15.48 -22.41
CA THR D 41 -15.41 14.95 -23.40
C THR D 41 -14.09 14.69 -22.68
N LEU D 42 -13.55 13.49 -22.82
CA LEU D 42 -12.25 13.15 -22.20
C LEU D 42 -11.19 13.68 -23.11
N ILE D 43 -10.42 14.64 -22.58
CA ILE D 43 -9.37 15.26 -23.41
C ILE D 43 -7.96 15.00 -22.88
N GLY D 44 -7.85 14.18 -21.84
CA GLY D 44 -6.53 13.78 -21.36
C GLY D 44 -6.65 12.65 -20.34
N ASN D 45 -5.82 11.64 -20.53
CA ASN D 45 -5.87 10.53 -19.62
C ASN D 45 -4.55 10.26 -19.02
N GLY D 46 -4.45 10.83 -17.82
CA GLY D 46 -3.33 10.69 -16.93
C GLY D 46 -2.45 11.91 -16.96
N GLY D 47 -1.75 12.13 -15.87
CA GLY D 47 -0.74 13.16 -15.76
C GLY D 47 -1.22 14.50 -15.28
N TRP D 48 -2.52 14.63 -15.03
CA TRP D 48 -3.09 15.93 -14.66
C TRP D 48 -3.21 16.07 -13.11
N SER E 2 3.41 -15.30 4.75
CA SER E 2 3.46 -14.48 5.97
C SER E 2 4.24 -13.16 5.65
N GLY E 3 4.04 -12.14 6.46
CA GLY E 3 4.67 -10.86 6.17
C GLY E 3 4.02 -10.18 4.97
N PHE E 4 4.75 -9.22 4.41
CA PHE E 4 4.28 -8.40 3.30
C PHE E 4 4.63 -8.97 1.95
N LYS E 5 3.74 -8.72 0.99
CA LYS E 5 4.05 -8.95 -0.41
C LYS E 5 4.81 -7.84 -1.07
N PHE E 6 4.50 -6.58 -0.73
CA PHE E 6 5.28 -5.43 -1.27
C PHE E 6 5.51 -4.51 -0.09
N LEU E 7 6.62 -3.80 -0.10
CA LEU E 7 6.94 -2.91 1.03
C LEU E 7 7.82 -1.83 0.44
N PHE E 8 7.33 -0.59 0.39
CA PHE E 8 8.04 0.42 -0.38
C PHE E 8 7.69 1.78 0.05
N PHE E 9 8.50 2.76 -0.34
CA PHE E 9 8.24 4.17 0.03
C PHE E 9 7.63 4.98 -1.12
N SER E 10 6.81 5.94 -0.72
CA SER E 10 6.37 7.04 -1.61
C SER E 10 7.44 8.13 -1.48
N PRO E 11 7.58 8.98 -2.52
CA PRO E 11 8.63 10.01 -2.47
C PRO E 11 8.43 11.04 -1.34
N ASP E 12 7.23 11.10 -0.76
CA ASP E 12 7.02 11.96 0.40
C ASP E 12 7.47 11.31 1.69
N GLY E 13 8.03 10.11 1.61
CA GLY E 13 8.56 9.45 2.81
C GLY E 13 7.58 8.55 3.56
N THR E 14 6.43 8.28 2.93
CA THR E 14 5.41 7.43 3.56
C THR E 14 5.71 5.97 3.22
N LEU E 15 5.61 5.10 4.23
CA LEU E 15 5.83 3.67 4.02
C LEU E 15 4.52 3.07 3.62
N TYR E 16 4.57 2.39 2.49
CA TYR E 16 3.43 1.60 1.97
C TYR E 16 3.71 0.09 2.01
N GLY E 17 2.67 -0.67 2.30
CA GLY E 17 2.83 -2.14 2.27
C GLY E 17 1.55 -2.84 1.85
N VAL E 18 1.74 -3.95 1.14
CA VAL E 18 0.63 -4.88 0.80
C VAL E 18 0.80 -6.09 1.73
N HIS E 19 -0.23 -6.29 2.55
CA HIS E 19 -0.26 -7.39 3.49
C HIS E 19 -1.61 -8.07 3.41
N ASN E 20 -1.61 -9.41 3.24
CA ASN E 20 -2.83 -10.22 3.16
C ASN E 20 -3.82 -9.61 2.18
N ASP E 21 -3.30 -9.22 1.02
CA ASP E 21 -4.09 -8.68 -0.13
C ASP E 21 -4.56 -7.23 0.01
N LYS E 22 -4.29 -6.64 1.16
CA LYS E 22 -4.66 -5.28 1.48
C LYS E 22 -3.51 -4.27 1.38
N LEU E 23 -3.88 -3.02 1.17
CA LEU E 23 -2.90 -1.93 1.11
C LEU E 23 -2.92 -1.06 2.37
N TYR E 24 -1.73 -0.83 2.96
CA TYR E 24 -1.55 0.02 4.11
C TYR E 24 -0.51 1.13 3.85
N LYS E 25 -0.64 2.24 4.59
CA LYS E 25 0.44 3.27 4.55
C LYS E 25 0.61 3.85 5.93
N GLY E 26 1.73 4.50 6.17
CA GLY E 26 2.00 5.08 7.46
C GLY E 26 3.42 5.56 7.54
N THR E 27 3.67 6.47 8.47
CA THR E 27 5.06 6.87 8.75
C THR E 27 5.81 5.62 9.14
N PRO E 28 7.06 5.49 8.66
CA PRO E 28 7.75 4.23 8.98
C PRO E 28 8.06 4.12 10.50
N PRO E 29 8.18 2.91 11.03
CA PRO E 29 8.59 2.81 12.44
C PRO E 29 10.05 3.21 12.73
N THR E 30 10.29 3.73 13.95
CA THR E 30 11.63 4.14 14.39
C THR E 30 12.21 3.23 15.48
N SER E 31 11.41 2.27 15.95
CA SER E 31 11.92 1.23 16.85
C SER E 31 10.99 0.03 16.79
N ASP E 32 11.50 -1.13 17.21
CA ASP E 32 10.71 -2.34 17.25
C ASP E 32 9.63 -2.35 18.40
N ASN E 33 9.58 -1.30 19.19
CA ASN E 33 8.47 -1.11 20.14
C ASN E 33 7.21 -0.56 19.45
N ASP E 34 7.35 -0.12 18.20
CA ASP E 34 6.28 0.43 17.35
C ASP E 34 5.60 -0.66 16.46
N ASN E 35 4.33 -0.98 16.75
CA ASN E 35 3.58 -2.02 16.05
C ASN E 35 2.93 -1.30 14.88
N TRP E 36 3.71 -1.28 13.78
CA TRP E 36 3.40 -0.47 12.63
C TRP E 36 2.07 -0.87 12.01
N LEU E 37 1.89 -2.17 11.83
CA LEU E 37 0.73 -2.68 11.14
C LEU E 37 -0.57 -2.32 11.90
N ALA E 38 -0.50 -2.29 13.23
CA ALA E 38 -1.65 -1.91 14.05
C ALA E 38 -2.11 -0.48 13.87
N ARG E 39 -1.19 0.39 13.56
CA ARG E 39 -1.47 1.82 13.46
C ARG E 39 -1.44 2.25 12.01
N ALA E 40 -1.06 1.39 11.08
CA ALA E 40 -0.98 1.84 9.67
C ALA E 40 -2.39 2.15 9.18
N THR E 41 -2.53 3.16 8.35
CA THR E 41 -3.84 3.47 7.72
C THR E 41 -4.21 2.46 6.61
N LEU E 42 -5.40 1.84 6.71
CA LEU E 42 -5.89 0.95 5.67
C LEU E 42 -6.37 1.80 4.47
N ILE E 43 -5.76 1.60 3.30
CA ILE E 43 -6.13 2.35 2.09
C ILE E 43 -6.59 1.45 0.94
N GLY E 44 -6.76 0.17 1.24
CA GLY E 44 -7.29 -0.76 0.25
C GLY E 44 -7.67 -2.10 0.82
N ASN E 45 -8.90 -2.49 0.57
CA ASN E 45 -9.49 -3.69 1.22
C ASN E 45 -9.19 -5.01 0.56
N GLY E 46 -8.57 -5.02 -0.63
CA GLY E 46 -8.41 -6.25 -1.40
C GLY E 46 -7.89 -5.99 -2.79
N GLY E 47 -7.44 -7.07 -3.44
CA GLY E 47 -7.09 -7.05 -4.83
C GLY E 47 -5.64 -6.65 -5.16
N TRP E 48 -4.86 -6.41 -4.09
CA TRP E 48 -3.40 -6.01 -4.15
C TRP E 48 -2.42 -7.18 -4.03
N SER F 2 -3.20 32.00 7.25
CA SER F 2 -3.13 33.42 6.98
C SER F 2 -3.39 33.69 5.48
N GLY F 3 -3.55 34.95 5.17
CA GLY F 3 -3.93 35.43 3.84
C GLY F 3 -5.27 34.83 3.42
N PHE F 4 -5.37 34.52 2.13
CA PHE F 4 -6.62 34.26 1.42
C PHE F 4 -6.77 32.80 1.16
N LYS F 5 -8.02 32.33 1.17
CA LYS F 5 -8.34 30.94 0.81
C LYS F 5 -8.59 30.81 -0.69
N PHE F 6 -9.23 31.82 -1.26
CA PHE F 6 -9.38 31.96 -2.76
C PHE F 6 -9.08 33.42 -3.12
N LEU F 7 -8.62 33.63 -4.33
CA LEU F 7 -8.28 34.92 -4.85
C LEU F 7 -8.39 34.82 -6.31
N PHE F 8 -9.32 35.58 -6.90
CA PHE F 8 -9.62 35.32 -8.35
C PHE F 8 -10.31 36.53 -8.95
N PHE F 9 -10.37 36.60 -10.29
CA PHE F 9 -11.05 37.70 -10.97
C PHE F 9 -12.43 37.31 -11.50
N SER F 10 -13.36 38.27 -11.44
CA SER F 10 -14.53 38.26 -12.31
C SER F 10 -14.13 38.77 -13.72
N PRO F 11 -14.91 38.39 -14.73
CA PRO F 11 -14.56 38.78 -16.09
C PRO F 11 -14.67 40.31 -16.35
N ASP F 12 -15.33 41.05 -15.47
CA ASP F 12 -15.37 42.50 -15.58
C ASP F 12 -14.19 43.16 -14.90
N GLY F 13 -13.26 42.34 -14.43
CA GLY F 13 -12.00 42.90 -13.91
C GLY F 13 -11.93 43.18 -12.42
N THR F 14 -12.99 42.76 -11.71
CA THR F 14 -13.02 42.95 -10.26
C THR F 14 -12.30 41.80 -9.58
N LEU F 15 -11.45 42.09 -8.60
CA LEU F 15 -10.78 41.09 -7.83
C LEU F 15 -11.67 40.59 -6.67
N TYR F 16 -11.79 39.28 -6.57
CA TYR F 16 -12.55 38.69 -5.47
C TYR F 16 -11.62 37.86 -4.57
N GLY F 17 -11.93 37.84 -3.27
CA GLY F 17 -11.11 37.11 -2.33
C GLY F 17 -11.97 36.50 -1.22
N VAL F 18 -11.60 35.28 -0.82
CA VAL F 18 -12.12 34.71 0.43
C VAL F 18 -11.07 34.83 1.49
N HIS F 19 -11.44 35.50 2.56
CA HIS F 19 -10.53 35.78 3.63
C HIS F 19 -11.21 35.61 4.95
N ASN F 20 -10.62 34.80 5.84
CA ASN F 20 -11.29 34.46 7.11
C ASN F 20 -12.80 34.13 6.95
N ASP F 21 -13.11 33.28 5.99
CA ASP F 21 -14.51 32.77 5.73
C ASP F 21 -15.46 33.81 5.11
N LYS F 22 -14.95 35.01 4.80
CA LYS F 22 -15.74 36.14 4.31
C LYS F 22 -15.39 36.39 2.88
N LEU F 23 -16.36 36.88 2.12
CA LEU F 23 -16.16 37.17 0.71
C LEU F 23 -16.05 38.68 0.49
N TYR F 24 -15.01 39.07 -0.27
CA TYR F 24 -14.71 40.50 -0.54
C TYR F 24 -14.56 40.69 -2.03
N LYS F 25 -14.88 41.92 -2.49
CA LYS F 25 -14.59 42.31 -3.86
C LYS F 25 -14.11 43.76 -3.95
N GLY F 26 -13.35 44.07 -5.00
CA GLY F 26 -12.85 45.42 -5.26
C GLY F 26 -11.93 45.47 -6.49
N THR F 27 -11.69 46.67 -7.00
CA THR F 27 -10.68 46.87 -8.01
C THR F 27 -9.39 46.34 -7.42
N PRO F 28 -8.55 45.65 -8.21
CA PRO F 28 -7.30 45.13 -7.74
C PRO F 28 -6.37 46.26 -7.26
N PRO F 29 -5.48 45.95 -6.28
CA PRO F 29 -4.55 46.99 -5.83
C PRO F 29 -3.59 47.36 -6.98
N THR F 30 -3.21 48.63 -6.97
CA THR F 30 -2.28 49.23 -7.96
C THR F 30 -0.87 49.41 -7.42
N SER F 31 -0.65 49.27 -6.10
CA SER F 31 0.72 49.32 -5.55
C SER F 31 0.74 48.74 -4.17
N ASP F 32 1.94 48.52 -3.67
CA ASP F 32 2.07 48.10 -2.25
C ASP F 32 1.56 49.14 -1.21
N ASN F 33 1.22 50.35 -1.63
CA ASN F 33 0.72 51.36 -0.71
C ASN F 33 -0.81 51.31 -0.68
N ASP F 34 -1.39 50.41 -1.50
CA ASP F 34 -2.85 50.18 -1.57
C ASP F 34 -3.31 49.09 -0.58
N ASN F 35 -3.91 49.50 0.54
CA ASN F 35 -4.39 48.48 1.50
C ASN F 35 -5.73 47.95 1.04
N TRP F 36 -5.68 46.85 0.31
CA TRP F 36 -6.84 46.35 -0.41
C TRP F 36 -7.92 45.85 0.51
N LEU F 37 -7.54 45.09 1.52
CA LEU F 37 -8.54 44.47 2.38
C LEU F 37 -9.28 45.55 3.15
N ALA F 38 -8.58 46.64 3.48
CA ALA F 38 -9.21 47.75 4.16
C ALA F 38 -10.24 48.48 3.30
N ARG F 39 -10.05 48.53 1.95
CA ARG F 39 -11.04 49.17 1.09
C ARG F 39 -12.00 48.24 0.31
N ALA F 40 -11.75 46.94 0.34
CA ALA F 40 -12.61 46.01 -0.40
C ALA F 40 -14.03 46.04 0.17
N THR F 41 -14.97 45.73 -0.71
CA THR F 41 -16.38 45.63 -0.36
C THR F 41 -16.69 44.28 0.25
N LEU F 42 -17.15 44.29 1.49
CA LEU F 42 -17.59 43.05 2.09
C LEU F 42 -18.89 42.62 1.42
N ILE F 43 -18.86 41.48 0.73
CA ILE F 43 -20.08 40.96 0.10
C ILE F 43 -20.58 39.62 0.66
N GLY F 44 -19.93 39.08 1.69
CA GLY F 44 -20.42 37.90 2.34
C GLY F 44 -19.76 37.80 3.71
N ASN F 45 -20.58 37.65 4.73
CA ASN F 45 -20.05 37.62 6.11
C ASN F 45 -19.61 36.28 6.75
N GLY F 46 -19.68 35.16 6.03
CA GLY F 46 -19.41 33.82 6.55
C GLY F 46 -19.84 32.70 5.57
N GLY F 47 -19.37 31.48 5.79
CA GLY F 47 -19.78 30.34 4.95
C GLY F 47 -18.91 30.06 3.71
N TRP F 48 -17.88 30.86 3.45
CA TRP F 48 -17.13 30.69 2.20
C TRP F 48 -15.86 29.87 2.37
N GLY G 3 -3.35 -10.71 -7.65
CA GLY G 3 -3.07 -9.24 -7.39
C GLY G 3 -2.01 -8.71 -8.32
N PHE G 4 -1.13 -7.82 -7.81
CA PHE G 4 -0.14 -7.15 -8.65
C PHE G 4 1.15 -7.91 -8.73
N LYS G 5 1.80 -7.83 -9.90
CA LYS G 5 3.11 -8.33 -10.08
C LYS G 5 4.16 -7.33 -9.61
N PHE G 6 3.94 -6.04 -9.90
CA PHE G 6 4.82 -4.92 -9.47
C PHE G 6 3.89 -3.83 -8.96
N LEU G 7 4.31 -3.11 -7.91
CA LEU G 7 3.59 -2.00 -7.38
C LEU G 7 4.60 -1.03 -6.80
N PHE G 8 4.74 0.16 -7.39
CA PHE G 8 5.86 1.07 -7.00
C PHE G 8 5.45 2.51 -7.32
N PHE G 9 6.15 3.47 -6.73
CA PHE G 9 5.96 4.88 -7.04
C PHE G 9 6.97 5.45 -8.09
N SER G 10 6.49 6.39 -8.91
CA SER G 10 7.37 7.33 -9.59
C SER G 10 7.72 8.48 -8.60
N PRO G 11 8.77 9.22 -8.89
CA PRO G 11 9.24 10.26 -7.99
C PRO G 11 8.32 11.45 -7.89
N ASP G 12 7.42 11.60 -8.83
CA ASP G 12 6.36 12.61 -8.70
C ASP G 12 5.20 12.22 -7.82
N GLY G 13 5.23 10.99 -7.26
CA GLY G 13 4.17 10.54 -6.34
C GLY G 13 3.06 9.78 -7.01
N THR G 14 3.21 9.42 -8.28
CA THR G 14 2.22 8.61 -8.99
C THR G 14 2.47 7.11 -8.68
N LEU G 15 1.44 6.37 -8.28
CA LEU G 15 1.54 4.94 -8.07
C LEU G 15 1.41 4.24 -9.42
N TYR G 16 2.29 3.29 -9.63
CA TYR G 16 2.35 2.45 -10.81
C TYR G 16 2.12 0.99 -10.38
N GLY G 17 1.46 0.20 -11.24
CA GLY G 17 1.31 -1.22 -10.96
C GLY G 17 1.15 -2.05 -12.23
N VAL G 18 1.59 -3.29 -12.16
CA VAL G 18 1.47 -4.22 -13.24
C VAL G 18 0.50 -5.23 -12.75
N HIS G 19 -0.53 -5.49 -13.57
CA HIS G 19 -1.68 -6.33 -13.14
C HIS G 19 -2.19 -7.01 -14.39
N ASN G 20 -2.14 -8.36 -14.36
CA ASN G 20 -2.54 -9.17 -15.49
C ASN G 20 -1.89 -8.76 -16.77
N ASP G 21 -0.58 -8.53 -16.71
CA ASP G 21 0.30 -8.25 -17.84
C ASP G 21 0.23 -6.77 -18.27
N LYS G 22 -0.62 -5.99 -17.63
CA LYS G 22 -0.86 -4.63 -18.07
C LYS G 22 -0.26 -3.62 -17.10
N LEU G 23 0.04 -2.42 -17.58
CA LEU G 23 0.67 -1.34 -16.75
C LEU G 23 -0.33 -0.24 -16.52
N TYR G 24 -0.51 0.10 -15.24
CA TYR G 24 -1.48 1.06 -14.77
C TYR G 24 -0.73 2.15 -14.00
N LYS G 25 -1.24 3.39 -14.01
CA LYS G 25 -0.72 4.43 -13.09
C LYS G 25 -1.84 5.29 -12.59
N GLY G 26 -1.62 5.92 -11.45
CA GLY G 26 -2.68 6.71 -10.83
C GLY G 26 -2.23 7.25 -9.53
N THR G 27 -2.74 8.41 -9.15
CA THR G 27 -2.59 8.89 -7.79
C THR G 27 -2.94 7.74 -6.82
N PRO G 28 -2.15 7.56 -5.76
CA PRO G 28 -2.47 6.43 -4.86
C PRO G 28 -3.78 6.62 -4.15
N PRO G 29 -4.31 5.52 -3.62
CA PRO G 29 -5.59 5.67 -2.89
C PRO G 29 -5.44 6.28 -1.52
N THR G 30 -6.53 6.90 -1.07
CA THR G 30 -6.62 7.66 0.18
C THR G 30 -7.33 6.91 1.24
N SER G 31 -8.19 5.98 0.83
CA SER G 31 -9.11 5.27 1.76
C SER G 31 -9.50 3.97 1.12
N ASP G 32 -10.00 3.03 1.94
CA ASP G 32 -10.33 1.66 1.50
C ASP G 32 -11.47 1.66 0.51
N ASN G 33 -12.17 2.80 0.49
CA ASN G 33 -13.26 3.08 -0.43
C ASN G 33 -12.88 3.46 -1.86
N ASP G 34 -11.59 3.64 -2.12
CA ASP G 34 -11.10 4.13 -3.39
C ASP G 34 -10.71 2.97 -4.27
N ASN G 35 -11.49 2.68 -5.29
CA ASN G 35 -11.21 1.58 -6.20
C ASN G 35 -10.18 2.03 -7.21
N TRP G 36 -8.95 1.85 -6.82
CA TRP G 36 -7.85 2.40 -7.58
C TRP G 36 -7.79 1.82 -9.00
N LEU G 37 -7.92 0.51 -9.08
CA LEU G 37 -7.75 -0.16 -10.37
C LEU G 37 -8.81 0.27 -11.38
N ALA G 38 -10.00 0.59 -10.91
CA ALA G 38 -11.09 0.98 -11.79
C ALA G 38 -10.86 2.38 -12.40
N ARG G 39 -10.16 3.23 -11.66
CA ARG G 39 -9.87 4.60 -12.13
C ARG G 39 -8.44 4.86 -12.70
N ALA G 40 -7.51 3.95 -12.50
CA ALA G 40 -6.17 4.09 -13.03
C ALA G 40 -6.06 4.24 -14.56
N THR G 41 -5.07 4.95 -15.00
CA THR G 41 -4.82 5.10 -16.41
C THR G 41 -4.09 3.85 -16.92
N LEU G 42 -4.67 3.19 -17.91
CA LEU G 42 -4.00 2.09 -18.58
C LEU G 42 -2.92 2.62 -19.52
N ILE G 43 -1.66 2.31 -19.23
CA ILE G 43 -0.54 2.85 -20.00
C ILE G 43 0.23 1.78 -20.75
N GLY G 44 -0.21 0.52 -20.63
CA GLY G 44 0.33 -0.55 -21.39
C GLY G 44 -0.59 -1.77 -21.32
N ASN G 45 -0.86 -2.31 -22.52
CA ASN G 45 -1.95 -3.28 -22.72
C ASN G 45 -1.55 -4.74 -22.50
N GLY G 46 -0.24 -4.98 -22.29
CA GLY G 46 0.39 -6.31 -22.26
C GLY G 46 1.90 -6.24 -22.37
N GLY G 47 2.56 -7.34 -22.12
CA GLY G 47 4.01 -7.40 -22.20
C GLY G 47 4.83 -7.05 -20.99
N TRP G 48 4.14 -6.70 -19.89
CA TRP G 48 4.76 -6.33 -18.62
C TRP G 48 4.96 -7.44 -17.58
N SER H 2 -15.54 22.62 5.89
CA SER H 2 -16.20 23.96 6.01
C SER H 2 -16.03 24.71 4.71
N GLY H 3 -17.01 25.56 4.36
CA GLY H 3 -16.86 26.47 3.22
C GLY H 3 -16.71 25.73 1.89
N PHE H 4 -16.25 26.46 0.90
CA PHE H 4 -16.23 25.93 -0.44
C PHE H 4 -14.88 25.32 -0.78
N LYS H 5 -14.92 24.36 -1.68
CA LYS H 5 -13.78 23.68 -2.17
C LYS H 5 -13.25 24.36 -3.44
N PHE H 6 -14.15 24.88 -4.26
CA PHE H 6 -13.83 25.69 -5.44
C PHE H 6 -14.82 26.85 -5.45
N LEU H 7 -14.35 27.99 -5.95
CA LEU H 7 -15.13 29.19 -6.08
C LEU H 7 -14.51 30.02 -7.17
N PHE H 8 -15.24 30.18 -8.30
CA PHE H 8 -14.67 30.73 -9.49
C PHE H 8 -15.76 31.33 -10.37
N PHE H 9 -15.38 32.17 -11.33
CA PHE H 9 -16.36 32.71 -12.29
C PHE H 9 -16.40 32.02 -13.63
N SER H 10 -17.61 32.05 -14.23
CA SER H 10 -17.78 31.79 -15.65
C SER H 10 -17.51 33.08 -16.40
N PRO H 11 -17.26 33.00 -17.74
CA PRO H 11 -16.92 34.24 -18.44
C PRO H 11 -18.07 35.18 -18.71
N ASP H 12 -19.31 34.74 -18.45
CA ASP H 12 -20.44 35.67 -18.49
C ASP H 12 -20.69 36.37 -17.16
N GLY H 13 -19.91 36.07 -16.13
CA GLY H 13 -20.08 36.81 -14.87
C GLY H 13 -20.85 36.06 -13.79
N THR H 14 -21.12 34.78 -14.04
CA THR H 14 -21.82 33.93 -13.05
C THR H 14 -20.80 33.26 -12.12
N LEU H 15 -21.11 33.33 -10.84
CA LEU H 15 -20.28 32.68 -9.81
C LEU H 15 -20.66 31.20 -9.69
N TYR H 16 -19.64 30.34 -9.68
CA TYR H 16 -19.72 28.90 -9.51
C TYR H 16 -19.02 28.50 -8.20
N GLY H 17 -19.52 27.48 -7.53
CA GLY H 17 -18.85 27.02 -6.29
C GLY H 17 -19.21 25.60 -6.02
N VAL H 18 -18.22 24.83 -5.56
CA VAL H 18 -18.45 23.48 -5.05
C VAL H 18 -18.50 23.61 -3.55
N HIS H 19 -19.58 23.05 -2.97
CA HIS H 19 -19.76 23.11 -1.53
C HIS H 19 -20.40 21.81 -1.05
N ASN H 20 -19.77 21.14 -0.09
CA ASN H 20 -20.23 19.79 0.33
C ASN H 20 -20.41 18.82 -0.83
N ASP H 21 -19.40 18.84 -1.71
CA ASP H 21 -19.33 17.97 -2.91
C ASP H 21 -20.44 18.28 -3.93
N LYS H 22 -21.23 19.35 -3.72
CA LYS H 22 -22.30 19.70 -4.67
C LYS H 22 -21.88 20.97 -5.46
N LEU H 23 -22.33 21.13 -6.71
CA LEU H 23 -22.06 22.27 -7.54
C LEU H 23 -23.22 23.27 -7.62
N TYR H 24 -22.91 24.56 -7.43
CA TYR H 24 -23.87 25.66 -7.35
C TYR H 24 -23.43 26.80 -8.28
N LYS H 25 -24.36 27.58 -8.81
CA LYS H 25 -24.07 28.76 -9.54
C LYS H 25 -25.09 29.84 -9.29
N GLY H 26 -24.70 31.09 -9.51
CA GLY H 26 -25.63 32.22 -9.29
C GLY H 26 -24.92 33.55 -9.50
N THR H 27 -25.70 34.57 -9.79
CA THR H 27 -25.21 35.94 -9.85
C THR H 27 -24.48 36.17 -8.51
N PRO H 28 -23.27 36.76 -8.54
CA PRO H 28 -22.56 36.93 -7.25
C PRO H 28 -23.29 37.87 -6.33
N PRO H 29 -23.07 37.74 -5.00
CA PRO H 29 -23.71 38.75 -4.10
C PRO H 29 -23.09 40.13 -4.18
N THR H 30 -23.85 41.20 -3.86
CA THR H 30 -23.24 42.58 -3.77
C THR H 30 -23.32 43.18 -2.40
N SER H 31 -23.90 42.44 -1.47
CA SER H 31 -23.86 42.82 -0.09
C SER H 31 -23.85 41.57 0.76
N ASP H 32 -23.28 41.71 1.97
CA ASP H 32 -23.33 40.64 2.97
C ASP H 32 -24.73 40.33 3.50
N ASN H 33 -25.75 41.12 3.15
CA ASN H 33 -27.15 40.70 3.44
C ASN H 33 -27.70 39.64 2.50
N ASP H 34 -26.95 39.32 1.45
CA ASP H 34 -27.40 38.44 0.39
C ASP H 34 -26.91 37.01 0.68
N ASN H 35 -27.84 36.14 1.04
CA ASN H 35 -27.57 34.72 1.29
C ASN H 35 -27.42 33.99 -0.05
N TRP H 36 -26.18 33.96 -0.56
CA TRP H 36 -25.99 33.44 -1.90
C TRP H 36 -26.33 31.97 -2.03
N LEU H 37 -25.86 31.15 -1.08
CA LEU H 37 -26.02 29.70 -1.19
C LEU H 37 -27.50 29.32 -1.12
N ALA H 38 -28.28 30.05 -0.33
CA ALA H 38 -29.74 29.79 -0.29
C ALA H 38 -30.47 30.08 -1.64
N ARG H 39 -29.97 31.02 -2.45
CA ARG H 39 -30.60 31.32 -3.75
C ARG H 39 -29.95 30.68 -4.93
N ALA H 40 -28.72 30.19 -4.77
CA ALA H 40 -27.98 29.65 -5.90
C ALA H 40 -28.69 28.49 -6.53
N THR H 41 -28.45 28.33 -7.83
CA THR H 41 -28.94 27.18 -8.63
C THR H 41 -28.08 25.93 -8.29
N LEU H 42 -28.72 24.87 -7.84
CA LEU H 42 -28.07 23.59 -7.67
C LEU H 42 -27.94 22.92 -9.04
N ILE H 43 -26.71 22.75 -9.50
CA ILE H 43 -26.43 22.16 -10.81
C ILE H 43 -25.66 20.85 -10.74
N GLY H 44 -25.49 20.32 -9.55
CA GLY H 44 -24.77 19.03 -9.36
C GLY H 44 -24.98 18.60 -7.90
N ASN H 45 -25.56 17.39 -7.71
CA ASN H 45 -25.91 16.89 -6.38
C ASN H 45 -24.80 16.13 -5.65
N GLY H 46 -23.72 15.79 -6.36
CA GLY H 46 -22.57 15.15 -5.72
C GLY H 46 -21.50 14.83 -6.71
N GLY H 47 -20.35 14.37 -6.19
CA GLY H 47 -19.24 13.96 -7.04
C GLY H 47 -18.19 15.06 -7.40
N TRP H 48 -18.38 16.27 -6.90
CA TRP H 48 -17.57 17.40 -7.30
C TRP H 48 -16.37 17.52 -6.34
N SER I 2 19.55 -17.35 4.31
CA SER I 2 18.65 -16.57 3.41
C SER I 2 19.04 -15.10 3.53
N GLY I 3 19.28 -14.46 2.39
CA GLY I 3 19.49 -13.02 2.40
C GLY I 3 18.26 -12.17 2.77
N PHE I 4 18.12 -11.04 2.10
CA PHE I 4 17.07 -10.10 2.34
C PHE I 4 15.85 -10.47 1.54
N LYS I 5 14.70 -10.15 2.12
CA LYS I 5 13.40 -10.33 1.47
C LYS I 5 13.04 -9.06 0.72
N PHE I 6 13.26 -7.90 1.35
CA PHE I 6 13.11 -6.59 0.71
C PHE I 6 14.37 -5.79 0.98
N LEU I 7 14.78 -4.96 0.01
CA LEU I 7 15.90 -4.03 0.24
C LEU I 7 15.65 -2.79 -0.64
N PHE I 8 15.54 -1.62 -0.03
CA PHE I 8 15.03 -0.49 -0.73
C PHE I 8 15.33 0.83 0.01
N PHE I 9 15.23 1.96 -0.65
CA PHE I 9 15.57 3.22 -0.06
C PHE I 9 14.33 4.04 0.27
N SER I 10 14.44 4.81 1.36
CA SER I 10 13.56 5.95 1.63
C SER I 10 14.04 7.14 0.86
N PRO I 11 13.13 8.11 0.60
CA PRO I 11 13.53 9.29 -0.13
C PRO I 11 14.59 10.19 0.58
N ASP I 12 14.82 10.02 1.87
CA ASP I 12 15.88 10.76 2.57
C ASP I 12 17.25 10.09 2.45
N GLY I 13 17.33 8.95 1.77
CA GLY I 13 18.57 8.26 1.50
C GLY I 13 18.93 7.18 2.49
N THR I 14 18.03 6.81 3.42
CA THR I 14 18.27 5.74 4.33
C THR I 14 17.96 4.43 3.62
N LEU I 15 18.80 3.43 3.86
CA LEU I 15 18.56 2.10 3.37
C LEU I 15 17.71 1.31 4.36
N TYR I 16 16.66 0.66 3.83
CA TYR I 16 15.80 -0.21 4.58
C TYR I 16 15.93 -1.61 4.04
N GLY I 17 15.82 -2.57 4.95
CA GLY I 17 15.83 -3.97 4.60
C GLY I 17 15.05 -4.84 5.52
N VAL I 18 14.44 -5.86 4.94
CA VAL I 18 13.77 -6.93 5.71
C VAL I 18 14.64 -8.17 5.61
N HIS I 19 15.03 -8.65 6.79
CA HIS I 19 15.91 -9.80 6.93
C HIS I 19 15.44 -10.61 8.11
N ASN I 20 15.23 -11.91 7.88
CA ASN I 20 14.79 -12.84 8.92
C ASN I 20 13.56 -12.25 9.64
N ASP I 21 12.61 -11.77 8.80
CA ASP I 21 11.26 -11.28 9.19
C ASP I 21 11.31 -9.94 9.96
N LYS I 22 12.49 -9.38 10.07
CA LYS I 22 12.73 -8.17 10.82
C LYS I 22 13.04 -7.01 9.89
N LEU I 23 12.71 -5.79 10.34
CA LEU I 23 12.89 -4.57 9.56
C LEU I 23 14.04 -3.75 10.19
N TYR I 24 14.96 -3.35 9.34
CA TYR I 24 16.13 -2.59 9.69
C TYR I 24 16.18 -1.31 8.88
N LYS I 25 16.92 -0.33 9.37
CA LYS I 25 17.31 0.86 8.54
C LYS I 25 18.71 1.33 8.95
N GLY I 26 19.35 2.04 8.03
CA GLY I 26 20.61 2.68 8.31
C GLY I 26 21.13 3.36 7.09
N THR I 27 22.18 4.15 7.28
CA THR I 27 22.91 4.68 6.14
C THR I 27 23.42 3.46 5.35
N PRO I 28 23.40 3.51 4.00
CA PRO I 28 23.90 2.37 3.23
C PRO I 28 25.35 2.08 3.48
N PRO I 29 25.74 0.82 3.28
CA PRO I 29 27.17 0.50 3.39
C PRO I 29 28.04 1.24 2.39
N THR I 30 29.27 1.54 2.78
CA THR I 30 30.17 2.26 1.91
C THR I 30 31.31 1.46 1.29
N SER I 31 31.51 0.25 1.81
CA SER I 31 32.56 -0.65 1.34
C SER I 31 32.27 -2.09 1.79
N ASP I 32 32.99 -3.07 1.22
CA ASP I 32 32.86 -4.45 1.63
C ASP I 32 33.33 -4.73 3.07
N ASN I 33 33.93 -3.74 3.74
CA ASN I 33 34.35 -3.86 5.16
C ASN I 33 33.26 -3.39 6.13
N ASP I 34 32.14 -2.93 5.61
CA ASP I 34 31.10 -2.25 6.39
C ASP I 34 30.02 -3.31 6.64
N ASN I 35 29.96 -3.77 7.88
CA ASN I 35 29.02 -4.80 8.30
C ASN I 35 27.69 -4.15 8.59
N TRP I 36 26.83 -4.11 7.57
CA TRP I 36 25.61 -3.32 7.67
C TRP I 36 24.66 -3.86 8.72
N LEU I 37 24.41 -5.16 8.66
CA LEU I 37 23.45 -5.76 9.60
C LEU I 37 23.91 -5.58 11.04
N ALA I 38 25.23 -5.56 11.24
CA ALA I 38 25.76 -5.37 12.61
C ALA I 38 25.47 -4.00 13.22
N ARG I 39 25.37 -2.96 12.37
CA ARG I 39 25.11 -1.54 12.77
C ARG I 39 23.72 -0.95 12.45
N ALA I 40 22.91 -1.64 11.64
CA ALA I 40 21.59 -1.11 11.26
C ALA I 40 20.74 -1.05 12.48
N THR I 41 19.84 -0.08 12.53
CA THR I 41 18.86 0.10 13.59
C THR I 41 17.71 -0.88 13.38
N LEU I 42 17.45 -1.70 14.36
CA LEU I 42 16.33 -2.63 14.34
C LEU I 42 15.07 -1.83 14.53
N ILE I 43 14.24 -1.79 13.52
CA ILE I 43 13.02 -1.00 13.68
C ILE I 43 11.74 -1.83 13.60
N GLY I 44 11.88 -3.17 13.50
CA GLY I 44 10.74 -4.05 13.51
C GLY I 44 11.18 -5.45 13.82
N ASN I 45 10.58 -6.09 14.80
CA ASN I 45 10.94 -7.47 15.09
C ASN I 45 9.70 -8.31 14.98
N GLY I 46 9.56 -8.77 13.75
CA GLY I 46 8.60 -9.79 13.36
C GLY I 46 7.55 -9.21 12.43
N GLY I 47 6.91 -10.09 11.68
CA GLY I 47 5.81 -9.76 10.83
C GLY I 47 6.05 -9.12 9.48
N TRP I 48 7.31 -8.95 9.09
CA TRP I 48 7.64 -8.31 7.80
C TRP I 48 7.82 -9.33 6.66
N GLY J 3 7.09 27.87 -3.88
CA GLY J 3 6.70 28.65 -5.13
C GLY J 3 5.46 29.53 -4.87
N PHE J 4 4.57 29.59 -5.83
CA PHE J 4 3.40 30.47 -5.73
C PHE J 4 2.26 29.82 -4.96
N LYS J 5 1.52 30.65 -4.22
CA LYS J 5 0.29 30.22 -3.52
C LYS J 5 -0.95 30.31 -4.40
N PHE J 6 -0.96 31.32 -5.24
CA PHE J 6 -1.98 31.54 -6.28
C PHE J 6 -1.26 32.04 -7.54
N LEU J 7 -1.84 31.74 -8.69
CA LEU J 7 -1.33 32.13 -9.99
C LEU J 7 -2.53 32.05 -10.94
N PHE J 8 -2.84 33.17 -11.60
CA PHE J 8 -4.12 33.35 -12.26
C PHE J 8 -4.13 34.55 -13.14
N PHE J 9 -5.04 34.55 -14.10
CA PHE J 9 -5.15 35.69 -14.99
C PHE J 9 -6.28 36.68 -14.62
N SER J 10 -6.02 37.93 -14.93
CA SER J 10 -7.06 38.98 -14.98
C SER J 10 -7.59 38.90 -16.42
N PRO J 11 -8.82 39.35 -16.62
CA PRO J 11 -9.43 39.23 -17.92
C PRO J 11 -8.77 40.06 -19.07
N ASP J 12 -7.97 41.05 -18.70
CA ASP J 12 -7.18 41.79 -19.69
C ASP J 12 -5.90 41.09 -20.05
N GLY J 13 -5.63 39.88 -19.51
CA GLY J 13 -4.42 39.16 -19.95
C GLY J 13 -3.16 39.31 -19.10
N THR J 14 -3.30 39.95 -17.96
CA THR J 14 -2.19 40.15 -17.04
C THR J 14 -2.14 38.97 -16.08
N LEU J 15 -0.97 38.42 -15.90
CA LEU J 15 -0.76 37.36 -14.93
C LEU J 15 -0.61 37.97 -13.53
N TYR J 16 -1.27 37.34 -12.56
CA TYR J 16 -1.21 37.71 -11.13
C TYR J 16 -0.73 36.46 -10.37
N GLY J 17 0.10 36.69 -9.36
CA GLY J 17 0.64 35.61 -8.53
C GLY J 17 0.83 36.07 -7.09
N VAL J 18 0.60 35.17 -6.13
CA VAL J 18 0.94 35.41 -4.75
C VAL J 18 2.13 34.56 -4.46
N HIS J 19 3.18 35.22 -3.99
CA HIS J 19 4.49 34.53 -3.73
C HIS J 19 5.07 35.11 -2.41
N ASN J 20 5.37 34.23 -1.46
CA ASN J 20 5.86 34.71 -0.15
C ASN J 20 5.00 35.81 0.44
N ASP J 21 3.68 35.61 0.45
CA ASP J 21 2.70 36.54 1.07
C ASP J 21 2.44 37.83 0.29
N LYS J 22 3.08 37.97 -0.88
CA LYS J 22 3.04 39.22 -1.60
C LYS J 22 2.24 39.04 -2.89
N LEU J 23 1.59 40.11 -3.36
CA LEU J 23 0.84 40.08 -4.60
C LEU J 23 1.62 40.78 -5.68
N TYR J 24 1.76 40.07 -6.83
CA TYR J 24 2.54 40.52 -7.99
C TYR J 24 1.66 40.46 -9.24
N LYS J 25 1.89 41.34 -10.21
CA LYS J 25 1.26 41.21 -11.52
C LYS J 25 2.27 41.53 -12.60
N GLY J 26 1.99 41.03 -13.81
CA GLY J 26 2.80 41.43 -14.97
C GLY J 26 2.37 40.66 -16.19
N THR J 27 2.75 41.16 -17.37
N THR J 27 2.77 41.14 -17.36
CA THR J 27 2.56 40.43 -18.60
CA THR J 27 2.54 40.43 -18.59
C THR J 27 3.18 39.03 -18.42
C THR J 27 3.21 39.05 -18.49
N PRO J 28 2.49 37.98 -18.87
CA PRO J 28 3.08 36.64 -18.70
C PRO J 28 4.36 36.42 -19.48
N PRO J 29 5.24 35.52 -18.99
CA PRO J 29 6.45 35.25 -19.78
C PRO J 29 6.17 34.55 -21.12
N THR J 30 7.09 34.82 -22.05
CA THR J 30 7.04 34.39 -23.41
C THR J 30 7.98 33.18 -23.57
N SER J 31 9.05 33.17 -22.78
CA SER J 31 10.05 32.12 -22.83
C SER J 31 10.57 31.92 -21.44
N ASP J 32 11.19 30.76 -21.23
CA ASP J 32 11.91 30.47 -19.99
C ASP J 32 13.16 31.35 -19.73
N ASN J 33 13.55 32.18 -20.69
CA ASN J 33 14.61 33.17 -20.39
C ASN J 33 14.14 34.43 -19.67
N ASP J 34 12.83 34.52 -19.44
CA ASP J 34 12.20 35.68 -18.87
C ASP J 34 11.96 35.49 -17.37
N ASN J 35 12.63 36.28 -16.54
CA ASN J 35 12.55 36.13 -15.10
C ASN J 35 11.36 36.97 -14.66
N TRP J 36 10.24 36.34 -14.67
CA TRP J 36 8.97 37.07 -14.43
C TRP J 36 8.91 37.74 -13.06
N LEU J 37 9.21 37.00 -12.02
CA LEU J 37 9.15 37.49 -10.69
C LEU J 37 10.13 38.67 -10.51
N ALA J 38 11.24 38.67 -11.19
CA ALA J 38 12.18 39.79 -11.06
C ALA J 38 11.66 41.11 -11.64
N ARG J 39 10.76 41.05 -12.63
CA ARG J 39 10.18 42.25 -13.27
C ARG J 39 8.71 42.54 -12.95
N ALA J 40 8.04 41.59 -12.29
CA ALA J 40 6.64 41.78 -12.01
C ALA J 40 6.47 43.01 -11.06
N THR J 41 5.34 43.68 -11.17
CA THR J 41 5.01 44.82 -10.35
C THR J 41 4.50 44.31 -9.02
N LEU J 42 5.10 44.79 -7.97
CA LEU J 42 4.67 44.42 -6.63
C LEU J 42 3.43 45.26 -6.30
N ILE J 43 2.26 44.64 -6.13
CA ILE J 43 1.04 45.37 -5.83
C ILE J 43 0.46 45.08 -4.44
N GLY J 44 1.18 44.29 -3.67
CA GLY J 44 0.85 44.13 -2.28
C GLY J 44 1.94 43.47 -1.50
N ASN J 45 2.26 44.04 -0.32
CA ASN J 45 3.50 43.67 0.42
C ASN J 45 3.45 42.48 1.38
N GLY J 46 2.26 41.91 1.60
CA GLY J 46 1.91 41.07 2.76
C GLY J 46 0.41 40.85 2.81
N GLY J 47 0.00 39.84 3.60
CA GLY J 47 -1.40 39.56 3.89
C GLY J 47 -2.13 38.72 2.85
N TRP J 48 -1.42 38.26 1.81
CA TRP J 48 -2.14 37.59 0.72
C TRP J 48 -2.12 36.11 1.06
N SER K 2 16.41 -31.07 24.66
CA SER K 2 15.05 -30.72 25.17
C SER K 2 14.33 -29.78 24.19
N GLY K 3 13.55 -30.37 23.30
CA GLY K 3 13.04 -29.67 22.10
C GLY K 3 11.85 -28.81 22.39
N PHE K 4 10.91 -28.74 21.42
CA PHE K 4 9.76 -27.88 21.58
C PHE K 4 8.62 -28.59 22.39
N LYS K 5 7.88 -27.78 23.09
CA LYS K 5 6.67 -28.14 23.82
C LYS K 5 5.46 -28.05 22.91
N PHE K 6 5.42 -27.01 22.11
CA PHE K 6 4.44 -26.85 21.04
C PHE K 6 5.18 -26.34 19.80
N LEU K 7 4.63 -26.70 18.64
CA LEU K 7 5.14 -26.28 17.34
C LEU K 7 3.97 -26.30 16.36
N PHE K 8 3.64 -25.16 15.77
CA PHE K 8 2.37 -25.08 15.03
C PHE K 8 2.34 -23.86 14.14
N PHE K 9 1.44 -23.83 13.17
CA PHE K 9 1.35 -22.68 12.25
C PHE K 9 0.20 -21.74 12.59
N SER K 10 0.44 -20.46 12.34
CA SER K 10 -0.64 -19.51 12.26
C SER K 10 -1.19 -19.54 10.80
N PRO K 11 -2.41 -19.08 10.59
CA PRO K 11 -3.03 -19.22 9.26
C PRO K 11 -2.33 -18.39 8.13
N ASP K 12 -1.51 -17.44 8.49
CA ASP K 12 -0.68 -16.70 7.49
C ASP K 12 0.57 -17.38 7.14
N GLY K 13 0.81 -18.56 7.70
CA GLY K 13 2.00 -19.28 7.33
C GLY K 13 3.22 -19.09 8.20
N THR K 14 3.08 -18.44 9.33
CA THR K 14 4.20 -18.22 10.23
C THR K 14 4.27 -19.40 11.16
N LEU K 15 5.46 -19.90 11.34
CA LEU K 15 5.64 -20.95 12.35
C LEU K 15 5.80 -20.40 13.74
N TYR K 16 5.09 -21.03 14.67
CA TYR K 16 5.14 -20.70 16.09
C TYR K 16 5.68 -21.89 16.89
N GLY K 17 6.40 -21.59 17.97
CA GLY K 17 6.98 -22.65 18.81
C GLY K 17 7.14 -22.17 20.24
N VAL K 18 6.95 -23.11 21.16
CA VAL K 18 7.29 -22.90 22.52
C VAL K 18 8.47 -23.73 22.85
N HIS K 19 9.51 -23.08 23.36
CA HIS K 19 10.78 -23.72 23.67
C HIS K 19 11.36 -23.10 24.92
N ASN K 20 11.71 -23.97 25.89
CA ASN K 20 12.18 -23.47 27.20
C ASN K 20 11.29 -22.35 27.78
N ASP K 21 9.97 -22.59 27.76
CA ASP K 21 8.95 -21.73 28.41
C ASP K 21 8.66 -20.40 27.68
N LYS K 22 9.31 -20.24 26.55
CA LYS K 22 9.24 -19.08 25.73
C LYS K 22 8.50 -19.32 24.44
N LEU K 23 7.88 -18.27 23.94
CA LEU K 23 7.12 -18.32 22.67
C LEU K 23 7.90 -17.59 21.59
N TYR K 24 8.14 -18.32 20.51
CA TYR K 24 8.85 -17.80 19.31
C TYR K 24 7.95 -17.84 18.05
N LYS K 25 8.19 -16.99 17.05
CA LYS K 25 7.52 -17.15 15.78
C LYS K 25 8.56 -16.80 14.71
N GLY K 26 8.36 -17.31 13.48
CA GLY K 26 9.19 -16.95 12.36
C GLY K 26 8.82 -17.72 11.12
N THR K 27 9.23 -17.21 9.96
CA THR K 27 9.08 -17.89 8.73
C THR K 27 9.68 -19.29 8.94
N PRO K 28 8.95 -20.35 8.53
CA PRO K 28 9.54 -21.70 8.74
C PRO K 28 10.88 -21.88 7.93
N PRO K 29 11.76 -22.81 8.39
CA PRO K 29 13.02 -22.98 7.67
C PRO K 29 12.80 -23.72 6.37
N THR K 30 13.71 -23.48 5.44
CA THR K 30 13.60 -24.02 4.12
C THR K 30 14.66 -25.04 3.87
N SER K 31 15.75 -24.99 4.65
CA SER K 31 16.74 -26.07 4.65
C SER K 31 17.32 -26.27 6.04
N ASP K 32 17.95 -27.42 6.23
CA ASP K 32 18.64 -27.69 7.50
C ASP K 32 19.86 -26.81 7.78
N ASN K 33 20.31 -26.00 6.81
CA ASN K 33 21.30 -24.96 7.11
C ASN K 33 20.74 -23.75 7.87
N ASP K 34 19.42 -23.69 7.99
CA ASP K 34 18.74 -22.53 8.59
C ASP K 34 18.52 -22.75 10.09
N ASN K 35 19.29 -22.01 10.90
CA ASN K 35 19.08 -22.02 12.40
C ASN K 35 17.87 -21.20 12.82
N TRP K 36 16.76 -21.90 12.84
CA TRP K 36 15.47 -21.23 13.03
C TRP K 36 15.39 -20.55 14.36
N LEU K 37 15.70 -21.29 15.43
CA LEU K 37 15.63 -20.74 16.78
C LEU K 37 16.53 -19.50 16.97
N ALA K 38 17.66 -19.43 16.29
CA ALA K 38 18.54 -18.33 16.51
C ALA K 38 18.05 -17.07 15.83
N ARG K 39 17.14 -17.17 14.84
CA ARG K 39 16.60 -15.99 14.13
C ARG K 39 15.10 -15.70 14.41
N ALA K 40 14.38 -16.58 15.11
CA ALA K 40 12.97 -16.41 15.32
C ALA K 40 12.78 -15.26 16.30
N THR K 41 11.67 -14.57 16.14
CA THR K 41 11.25 -13.48 17.02
C THR K 41 10.77 -14.07 18.33
N LEU K 42 11.36 -13.58 19.41
CA LEU K 42 10.95 -13.92 20.74
C LEU K 42 9.72 -13.03 21.07
N ILE K 43 8.53 -13.64 21.11
CA ILE K 43 7.27 -12.95 21.38
C ILE K 43 6.71 -13.23 22.78
N GLY K 44 7.39 -14.09 23.55
CA GLY K 44 7.00 -14.26 24.97
C GLY K 44 8.14 -14.83 25.76
N ASN K 45 8.45 -14.27 26.93
CA ASN K 45 9.73 -14.57 27.63
C ASN K 45 9.74 -15.77 28.59
N GLY K 46 8.53 -16.31 28.89
CA GLY K 46 8.17 -17.17 30.05
C GLY K 46 6.64 -17.39 30.18
N GLY K 47 6.21 -18.42 30.92
CA GLY K 47 4.75 -18.71 31.17
C GLY K 47 4.06 -19.64 30.13
N TRP K 48 4.81 -20.07 29.13
CA TRP K 48 4.24 -20.89 28.02
C TRP K 48 4.34 -22.43 28.21
N SER L 2 8.20 -45.50 18.20
CA SER L 2 8.46 -44.04 18.48
C SER L 2 7.67 -43.11 17.57
N GLY L 3 7.83 -43.19 16.25
CA GLY L 3 7.11 -42.32 15.33
C GLY L 3 7.46 -40.85 15.44
N PHE L 4 6.48 -39.98 15.18
CA PHE L 4 6.65 -38.50 15.23
C PHE L 4 6.32 -37.94 16.60
N LYS L 5 6.99 -36.84 16.95
CA LYS L 5 6.72 -36.00 18.13
C LYS L 5 5.69 -34.97 17.79
N PHE L 6 5.76 -34.41 16.57
CA PHE L 6 4.71 -33.47 16.10
C PHE L 6 4.39 -33.79 14.66
N LEU L 7 3.14 -33.55 14.26
CA LEU L 7 2.67 -33.85 12.94
C LEU L 7 1.57 -32.91 12.61
N PHE L 8 1.75 -32.00 11.64
CA PHE L 8 0.78 -30.93 11.47
C PHE L 8 0.90 -30.26 10.07
N PHE L 9 -0.12 -29.52 9.67
CA PHE L 9 -0.16 -28.82 8.43
C PHE L 9 0.16 -27.37 8.54
N SER L 10 0.84 -26.91 7.49
CA SER L 10 0.91 -25.47 7.18
C SER L 10 -0.32 -25.07 6.38
N PRO L 11 -0.69 -23.78 6.45
CA PRO L 11 -1.92 -23.38 5.78
C PRO L 11 -1.87 -23.58 4.23
N ASP L 12 -0.65 -23.69 3.68
CA ASP L 12 -0.53 -24.04 2.26
C ASP L 12 -0.72 -25.53 1.92
N GLY L 13 -1.03 -26.36 2.92
CA GLY L 13 -1.32 -27.78 2.73
C GLY L 13 -0.11 -28.71 2.77
N THR L 14 1.04 -28.16 3.15
CA THR L 14 2.25 -28.97 3.30
C THR L 14 2.23 -29.61 4.70
N LEU L 15 2.55 -30.88 4.75
CA LEU L 15 2.62 -31.65 6.01
C LEU L 15 4.05 -31.53 6.60
N TYR L 16 4.12 -31.11 7.86
CA TYR L 16 5.30 -31.03 8.63
C TYR L 16 5.30 -32.10 9.71
N GLY L 17 6.47 -32.58 10.00
CA GLY L 17 6.67 -33.53 11.09
C GLY L 17 7.99 -33.38 11.77
N VAL L 18 8.00 -33.54 13.10
CA VAL L 18 9.25 -33.66 13.87
C VAL L 18 9.43 -35.17 14.17
N HIS L 19 10.57 -35.67 13.75
CA HIS L 19 10.87 -37.12 13.83
C HIS L 19 12.33 -37.24 14.26
N ASN L 20 12.58 -37.94 15.35
CA ASN L 20 13.96 -38.09 15.91
C ASN L 20 14.68 -36.73 16.01
N ASP L 21 13.97 -35.74 16.57
CA ASP L 21 14.47 -34.39 16.83
C ASP L 21 14.75 -33.53 15.59
N LYS L 22 14.44 -34.05 14.39
CA LYS L 22 14.58 -33.35 13.14
C LYS L 22 13.25 -32.91 12.55
N LEU L 23 13.29 -31.84 11.76
CA LEU L 23 12.07 -31.33 11.11
C LEU L 23 12.06 -31.66 9.59
N TYR L 24 10.91 -32.15 9.13
CA TYR L 24 10.62 -32.55 7.75
C TYR L 24 9.35 -31.91 7.25
N LYS L 25 9.24 -31.65 5.95
CA LYS L 25 7.99 -31.22 5.34
C LYS L 25 7.84 -31.90 3.98
N GLY L 26 6.62 -31.99 3.51
CA GLY L 26 6.34 -32.50 2.20
C GLY L 26 4.85 -32.58 1.96
N THR L 27 4.47 -32.72 0.71
CA THR L 27 3.09 -32.98 0.35
C THR L 27 2.63 -34.21 1.13
N PRO L 28 1.39 -34.20 1.67
CA PRO L 28 0.98 -35.37 2.44
C PRO L 28 0.93 -36.66 1.52
N PRO L 29 1.09 -37.85 2.11
CA PRO L 29 0.85 -39.09 1.35
C PRO L 29 -0.62 -39.28 0.96
N THR L 30 -0.85 -39.94 -0.19
CA THR L 30 -2.26 -40.25 -0.62
C THR L 30 -2.58 -41.72 -0.60
N SER L 31 -1.57 -42.51 -0.27
CA SER L 31 -1.77 -43.91 -0.02
C SER L 31 -0.59 -44.47 0.80
N ASP L 32 -0.82 -45.62 1.38
CA ASP L 32 0.17 -46.31 2.13
C ASP L 32 1.35 -46.86 1.29
N ASN L 33 1.26 -46.79 -0.03
CA ASN L 33 2.43 -47.14 -0.88
C ASN L 33 3.44 -46.01 -0.94
N ASP L 34 3.13 -44.87 -0.32
CA ASP L 34 3.99 -43.71 -0.38
C ASP L 34 4.83 -43.64 0.93
N ASN L 35 6.14 -43.90 0.85
CA ASN L 35 7.06 -43.78 1.96
C ASN L 35 7.39 -42.32 2.15
N TRP L 36 6.54 -41.65 2.95
CA TRP L 36 6.62 -40.21 3.10
C TRP L 36 7.95 -39.79 3.69
N LEU L 37 8.36 -40.43 4.76
CA LEU L 37 9.55 -40.00 5.47
C LEU L 37 10.76 -40.10 4.51
N ALA L 38 10.78 -41.12 3.65
CA ALA L 38 11.90 -41.30 2.74
C ALA L 38 12.04 -40.19 1.68
N ARG L 39 10.92 -39.55 1.29
CA ARG L 39 10.93 -38.46 0.33
C ARG L 39 10.73 -37.08 0.94
N ALA L 40 10.50 -36.99 2.23
CA ALA L 40 10.22 -35.68 2.83
C ALA L 40 11.48 -34.81 2.82
N THR L 41 11.30 -33.50 2.70
CA THR L 41 12.39 -32.59 2.73
C THR L 41 12.89 -32.37 4.16
N LEU L 42 14.17 -32.68 4.38
CA LEU L 42 14.83 -32.35 5.65
C LEU L 42 15.03 -30.82 5.75
N ILE L 43 14.37 -30.17 6.73
CA ILE L 43 14.45 -28.71 6.92
C ILE L 43 14.97 -28.28 8.32
N GLY L 44 15.30 -29.25 9.16
CA GLY L 44 16.05 -29.00 10.39
C GLY L 44 16.72 -30.25 10.90
N ASN L 45 18.00 -30.11 11.23
CA ASN L 45 18.83 -31.26 11.62
C ASN L 45 18.83 -31.66 13.09
N GLY L 46 18.13 -30.94 13.99
CA GLY L 46 18.15 -31.19 15.44
C GLY L 46 17.53 -30.02 16.18
N GLY L 47 17.29 -30.24 17.50
CA GLY L 47 16.77 -29.23 18.38
C GLY L 47 15.26 -29.07 18.41
N TRP L 48 14.55 -29.87 17.63
CA TRP L 48 13.06 -29.77 17.50
C TRP L 48 12.35 -30.71 18.51
N SER M 2 -9.36 -36.06 32.95
CA SER M 2 -10.38 -35.02 33.32
C SER M 2 -10.91 -34.24 32.09
N GLY M 3 -10.08 -33.31 31.57
CA GLY M 3 -10.48 -32.33 30.52
C GLY M 3 -10.34 -32.92 29.11
N PHE M 4 -9.83 -32.12 28.16
CA PHE M 4 -9.70 -32.58 26.77
C PHE M 4 -8.33 -33.22 26.45
N LYS M 5 -8.41 -34.19 25.56
CA LYS M 5 -7.25 -34.86 25.00
C LYS M 5 -6.71 -34.21 23.76
N PHE M 6 -7.63 -33.71 22.95
CA PHE M 6 -7.29 -32.90 21.75
C PHE M 6 -8.25 -31.75 21.73
N LEU M 7 -7.79 -30.62 21.21
CA LEU M 7 -8.64 -29.43 21.08
C LEU M 7 -8.04 -28.59 20.00
N PHE M 8 -8.80 -28.42 18.90
CA PHE M 8 -8.25 -27.84 17.66
C PHE M 8 -9.32 -27.28 16.78
N PHE M 9 -8.93 -26.47 15.80
CA PHE M 9 -9.86 -25.87 14.87
C PHE M 9 -9.81 -26.58 13.51
N SER M 10 -10.99 -26.65 12.92
CA SER M 10 -11.11 -26.86 11.47
C SER M 10 -10.85 -25.50 10.74
N PRO M 11 -10.48 -25.57 9.47
CA PRO M 11 -10.26 -24.38 8.72
C PRO M 11 -11.49 -23.46 8.50
N ASP M 12 -12.69 -23.97 8.70
CA ASP M 12 -13.88 -23.14 8.62
C ASP M 12 -14.16 -22.44 9.95
N GLY M 13 -13.39 -22.70 10.98
CA GLY M 13 -13.54 -21.94 12.25
C GLY M 13 -14.35 -22.66 13.32
N THR M 14 -14.62 -23.91 13.08
CA THR M 14 -15.34 -24.74 14.05
C THR M 14 -14.32 -25.39 15.00
N LEU M 15 -14.58 -25.28 16.31
CA LEU M 15 -13.78 -25.93 17.33
C LEU M 15 -14.13 -27.41 17.43
N TYR M 16 -13.09 -28.25 17.46
CA TYR M 16 -13.19 -29.70 17.70
C TYR M 16 -12.47 -30.15 18.96
N GLY M 17 -12.98 -31.14 19.67
CA GLY M 17 -12.25 -31.66 20.82
C GLY M 17 -12.59 -33.08 21.10
N VAL M 18 -11.65 -33.76 21.71
CA VAL M 18 -11.85 -35.09 22.20
C VAL M 18 -11.94 -34.97 23.71
N HIS M 19 -13.03 -35.50 24.27
CA HIS M 19 -13.23 -35.46 25.71
C HIS M 19 -13.77 -36.77 26.09
N ASN M 20 -13.15 -37.42 27.09
CA ASN M 20 -13.52 -38.80 27.49
C ASN M 20 -13.77 -39.79 26.34
N ASP M 21 -12.82 -39.78 25.39
CA ASP M 21 -12.78 -40.74 24.25
C ASP M 21 -13.81 -40.40 23.17
N LYS M 22 -14.56 -39.28 23.34
CA LYS M 22 -15.63 -38.91 22.42
C LYS M 22 -15.19 -37.66 21.65
N LEU M 23 -15.72 -37.50 20.46
CA LEU M 23 -15.43 -36.34 19.59
C LEU M 23 -16.64 -35.42 19.49
N TYR M 24 -16.36 -34.16 19.72
CA TYR M 24 -17.30 -33.03 19.70
C TYR M 24 -16.84 -31.94 18.76
N LYS M 25 -17.80 -31.21 18.17
CA LYS M 25 -17.48 -30.01 17.44
C LYS M 25 -18.51 -28.92 17.76
N GLY M 26 -18.10 -27.69 17.51
CA GLY M 26 -18.99 -26.56 17.65
C GLY M 26 -18.34 -25.21 17.48
N THR M 27 -19.17 -24.17 17.24
CA THR M 27 -18.65 -22.84 17.19
C THR M 27 -18.01 -22.60 18.55
N PRO M 28 -16.85 -21.96 18.55
CA PRO M 28 -16.17 -21.89 19.82
C PRO M 28 -16.86 -20.92 20.78
N PRO M 29 -16.60 -21.04 22.09
CA PRO M 29 -17.29 -20.15 23.06
C PRO M 29 -16.90 -18.71 22.95
N THR M 30 -17.83 -17.81 23.29
CA THR M 30 -17.69 -16.38 23.10
C THR M 30 -17.39 -15.76 24.44
N SER M 31 -17.82 -16.43 25.50
CA SER M 31 -17.78 -15.87 26.86
C SER M 31 -17.65 -17.04 27.78
N ASP M 32 -17.22 -16.76 29.01
CA ASP M 32 -17.13 -17.79 30.05
C ASP M 32 -18.46 -18.28 30.53
N ASN M 33 -19.56 -17.61 30.14
CA ASN M 33 -20.89 -18.12 30.44
C ASN M 33 -21.34 -19.23 29.51
N ASP M 34 -20.56 -19.50 28.48
CA ASP M 34 -20.99 -20.42 27.42
C ASP M 34 -20.54 -21.84 27.70
N ASN M 35 -21.50 -22.71 28.07
CA ASN M 35 -21.26 -24.14 28.33
C ASN M 35 -21.12 -24.85 27.00
N TRP M 36 -19.92 -24.75 26.43
CA TRP M 36 -19.62 -25.39 25.14
C TRP M 36 -19.94 -26.86 25.06
N LEU M 37 -19.46 -27.67 25.99
CA LEU M 37 -19.64 -29.11 25.88
C LEU M 37 -21.15 -29.46 25.91
N ALA M 38 -21.97 -28.71 26.67
CA ALA M 38 -23.42 -28.93 26.72
C ALA M 38 -24.15 -28.68 25.39
N ARG M 39 -23.59 -27.81 24.52
CA ARG M 39 -24.24 -27.46 23.22
C ARG M 39 -23.50 -28.01 21.99
N ALA M 40 -22.30 -28.58 22.21
CA ALA M 40 -21.47 -29.12 21.14
C ALA M 40 -22.15 -30.31 20.46
N THR M 41 -21.88 -30.52 19.19
CA THR M 41 -22.39 -31.67 18.44
C THR M 41 -21.50 -32.86 18.72
N LEU M 42 -22.10 -33.94 19.16
CA LEU M 42 -21.42 -35.23 19.36
C LEU M 42 -21.23 -35.87 18.03
N ILE M 43 -19.97 -36.01 17.63
CA ILE M 43 -19.70 -36.56 16.29
C ILE M 43 -18.89 -37.84 16.42
N GLY M 44 -18.75 -38.34 17.64
CA GLY M 44 -18.06 -39.62 17.82
C GLY M 44 -18.26 -40.15 19.24
N ASN M 45 -18.75 -41.40 19.35
CA ASN M 45 -19.14 -41.91 20.68
C ASN M 45 -18.04 -42.66 21.38
N GLY M 46 -16.88 -42.79 20.75
CA GLY M 46 -15.81 -43.58 21.35
C GLY M 46 -14.69 -43.87 20.38
N GLY M 47 -13.55 -44.27 20.92
CA GLY M 47 -12.36 -44.68 20.12
C GLY M 47 -11.35 -43.60 19.76
N TRP M 48 -11.58 -42.39 20.23
CA TRP M 48 -10.80 -41.25 19.89
C TRP M 48 -9.73 -41.05 20.94
N SER N 2 -5.92 -47.72 22.10
CA SER N 2 -5.27 -46.52 22.71
C SER N 2 -5.85 -45.16 22.28
N GLY N 3 -6.88 -45.10 21.45
CA GLY N 3 -7.27 -43.84 20.84
C GLY N 3 -6.20 -43.29 19.93
N PHE N 4 -6.34 -42.07 19.54
CA PHE N 4 -5.51 -41.48 18.50
C PHE N 4 -4.30 -40.84 19.14
N LYS N 5 -3.19 -40.82 18.41
CA LYS N 5 -1.94 -40.16 18.86
C LYS N 5 -1.89 -38.69 18.40
N PHE N 6 -2.43 -38.45 17.21
CA PHE N 6 -2.56 -37.16 16.65
C PHE N 6 -3.95 -37.13 15.95
N LEU N 7 -4.52 -35.94 15.91
CA LEU N 7 -5.85 -35.72 15.31
C LEU N 7 -5.97 -34.25 14.93
N PHE N 8 -6.07 -33.96 13.65
CA PHE N 8 -5.84 -32.59 13.16
C PHE N 8 -6.40 -32.41 11.76
N PHE N 9 -6.64 -31.17 11.37
CA PHE N 9 -7.15 -30.84 10.01
C PHE N 9 -6.06 -30.34 9.08
N SER N 10 -6.15 -30.73 7.80
CA SER N 10 -5.56 -29.97 6.72
C SER N 10 -6.36 -28.77 6.33
N PRO N 11 -5.70 -27.76 5.71
CA PRO N 11 -6.42 -26.52 5.38
C PRO N 11 -7.58 -26.68 4.37
N ASP N 12 -7.63 -27.78 3.62
CA ASP N 12 -8.77 -28.05 2.76
C ASP N 12 -10.01 -28.67 3.51
N GLY N 13 -9.89 -28.89 4.83
CA GLY N 13 -11.00 -29.43 5.65
C GLY N 13 -11.02 -30.95 5.78
N THR N 14 -9.92 -31.62 5.50
CA THR N 14 -9.89 -33.06 5.63
C THR N 14 -9.31 -33.34 6.99
N LEU N 15 -9.91 -34.28 7.69
CA LEU N 15 -9.41 -34.71 8.97
C LEU N 15 -8.37 -35.79 8.80
N TYR N 16 -7.26 -35.62 9.46
CA TYR N 16 -6.15 -36.58 9.57
C TYR N 16 -6.03 -37.08 11.01
N GLY N 17 -5.66 -38.34 11.12
CA GLY N 17 -5.42 -38.94 12.42
C GLY N 17 -4.36 -40.00 12.36
N VAL N 18 -3.63 -40.15 13.48
CA VAL N 18 -2.68 -41.26 13.66
C VAL N 18 -3.23 -42.19 14.65
N HIS N 19 -3.41 -43.46 14.25
CA HIS N 19 -4.06 -44.45 15.14
C HIS N 19 -3.33 -45.76 14.91
N ASN N 20 -2.86 -46.34 16.01
CA ASN N 20 -2.12 -47.63 15.93
C ASN N 20 -0.97 -47.55 14.92
N ASP N 21 -0.23 -46.45 15.02
CA ASP N 21 0.97 -46.15 14.21
C ASP N 21 0.71 -45.87 12.71
N LYS N 22 -0.55 -45.82 12.35
CA LYS N 22 -0.96 -45.68 10.99
C LYS N 22 -1.54 -44.30 10.73
N LEU N 23 -1.50 -43.82 9.49
CA LEU N 23 -1.98 -42.47 9.16
C LEU N 23 -3.22 -42.64 8.30
N TYR N 24 -4.29 -41.97 8.72
CA TYR N 24 -5.61 -41.95 8.07
C TYR N 24 -6.03 -40.53 7.72
N LYS N 25 -6.84 -40.42 6.65
CA LYS N 25 -7.52 -39.16 6.33
C LYS N 25 -8.95 -39.39 5.86
N GLY N 26 -9.80 -38.36 6.03
CA GLY N 26 -11.16 -38.42 5.48
C GLY N 26 -11.97 -37.22 5.85
N THR N 27 -13.12 -37.08 5.19
CA THR N 27 -14.06 -36.07 5.65
C THR N 27 -14.32 -36.36 7.15
N PRO N 28 -14.43 -35.29 7.99
CA PRO N 28 -14.72 -35.55 9.39
C PRO N 28 -16.06 -36.18 9.62
N PRO N 29 -16.17 -36.90 10.76
CA PRO N 29 -17.46 -37.56 11.01
C PRO N 29 -18.59 -36.53 11.31
N THR N 30 -19.81 -36.86 10.92
CA THR N 30 -20.91 -35.90 11.02
C THR N 30 -21.94 -36.25 12.10
N SER N 31 -21.78 -37.42 12.71
CA SER N 31 -22.58 -37.84 13.84
C SER N 31 -21.91 -38.98 14.61
N ASP N 32 -22.52 -39.31 15.77
CA ASP N 32 -22.05 -40.48 16.52
C ASP N 32 -22.34 -41.81 15.81
N ASN N 33 -23.13 -41.81 14.74
CA ASN N 33 -23.41 -43.03 13.97
C ASN N 33 -22.36 -43.25 12.86
N ASP N 34 -21.50 -42.24 12.66
CA ASP N 34 -20.55 -42.23 11.55
C ASP N 34 -19.28 -42.93 12.04
N ASN N 35 -19.01 -44.13 11.57
CA ASN N 35 -17.82 -44.88 11.95
C ASN N 35 -16.64 -44.46 11.12
N TRP N 36 -15.88 -43.50 11.64
CA TRP N 36 -14.88 -42.77 10.83
C TRP N 36 -13.75 -43.71 10.47
N LEU N 37 -13.24 -44.42 11.47
CA LEU N 37 -12.07 -45.33 11.24
C LEU N 37 -12.40 -46.42 10.22
N ALA N 38 -13.66 -46.87 10.17
CA ALA N 38 -14.06 -47.84 9.16
C ALA N 38 -14.00 -47.31 7.72
N ARG N 39 -14.20 -46.00 7.49
CA ARG N 39 -14.29 -45.47 6.16
C ARG N 39 -13.10 -44.58 5.76
N ALA N 40 -12.27 -44.25 6.73
CA ALA N 40 -11.15 -43.39 6.47
C ALA N 40 -10.16 -44.03 5.49
N THR N 41 -9.50 -43.19 4.73
CA THR N 41 -8.50 -43.67 3.79
C THR N 41 -7.17 -43.92 4.51
N LEU N 42 -6.65 -45.14 4.37
CA LEU N 42 -5.34 -45.48 4.93
C LEU N 42 -4.26 -44.87 4.01
N ILE N 43 -3.51 -43.92 4.52
CA ILE N 43 -2.52 -43.21 3.73
C ILE N 43 -1.11 -43.48 4.24
N GLY N 44 -0.97 -44.23 5.35
CA GLY N 44 0.34 -44.62 5.89
C GLY N 44 0.22 -45.84 6.79
N ASN N 45 1.02 -46.90 6.59
CA ASN N 45 0.75 -48.13 7.37
C ASN N 45 1.48 -48.39 8.63
N GLY N 46 2.37 -47.52 9.01
CA GLY N 46 3.26 -47.66 10.10
C GLY N 46 4.26 -46.47 10.15
N GLY N 47 4.99 -46.31 11.25
CA GLY N 47 6.03 -45.27 11.38
C GLY N 47 5.58 -43.90 11.91
N TRP N 48 4.26 -43.74 12.13
CA TRP N 48 3.71 -42.43 12.52
C TRP N 48 3.69 -42.26 14.04
N GLY O 3 2.84 -23.68 32.48
CA GLY O 3 2.34 -23.07 31.23
C GLY O 3 1.05 -23.63 30.67
N PHE O 4 0.97 -23.78 29.35
CA PHE O 4 -0.29 -24.12 28.72
C PHE O 4 -0.40 -25.59 28.42
N LYS O 5 -1.64 -26.09 28.48
CA LYS O 5 -1.94 -27.47 28.11
C LYS O 5 -2.14 -27.60 26.60
N PHE O 6 -2.79 -26.60 26.02
CA PHE O 6 -2.96 -26.49 24.55
C PHE O 6 -2.65 -25.05 24.14
N LEU O 7 -2.19 -24.86 22.92
CA LEU O 7 -1.81 -23.55 22.41
C LEU O 7 -1.87 -23.63 20.89
N PHE O 8 -2.83 -22.88 20.29
CA PHE O 8 -3.18 -23.16 18.89
C PHE O 8 -3.92 -22.00 18.30
N PHE O 9 -3.92 -21.94 16.99
CA PHE O 9 -4.63 -20.90 16.27
C PHE O 9 -5.99 -21.29 15.70
N SER O 10 -6.91 -20.32 15.71
CA SER O 10 -8.12 -20.35 14.87
C SER O 10 -7.70 -19.86 13.46
N PRO O 11 -8.48 -20.24 12.45
CA PRO O 11 -8.17 -19.80 11.11
C PRO O 11 -8.31 -18.29 10.85
N ASP O 12 -8.97 -17.57 11.76
CA ASP O 12 -9.04 -16.08 11.66
C ASP O 12 -7.84 -15.42 12.31
N GLY O 13 -6.85 -16.23 12.78
CA GLY O 13 -5.59 -15.62 13.31
C GLY O 13 -5.60 -15.34 14.82
N THR O 14 -6.66 -15.77 15.53
CA THR O 14 -6.72 -15.66 16.98
C THR O 14 -6.01 -16.80 17.70
N LEU O 15 -5.19 -16.44 18.67
CA LEU O 15 -4.49 -17.46 19.48
C LEU O 15 -5.39 -17.95 20.62
N TYR O 16 -5.48 -19.26 20.77
CA TYR O 16 -6.21 -19.91 21.82
C TYR O 16 -5.26 -20.67 22.72
N GLY O 17 -5.59 -20.70 24.03
CA GLY O 17 -4.76 -21.46 24.91
C GLY O 17 -5.61 -22.02 26.02
N VAL O 18 -5.30 -23.22 26.44
CA VAL O 18 -5.85 -23.80 27.68
C VAL O 18 -4.81 -23.65 28.77
N HIS O 19 -5.20 -22.99 29.88
CA HIS O 19 -4.28 -22.66 30.94
C HIS O 19 -5.01 -22.94 32.28
N ASN O 20 -4.45 -23.75 33.17
CA ASN O 20 -5.08 -24.09 34.44
C ASN O 20 -6.58 -24.45 34.23
N ASP O 21 -6.85 -25.32 33.24
CA ASP O 21 -8.18 -25.85 32.92
C ASP O 21 -9.13 -24.80 32.31
N LYS O 22 -8.63 -23.60 32.06
CA LYS O 22 -9.45 -22.51 31.57
C LYS O 22 -9.11 -22.24 30.12
N LEU O 23 -10.06 -21.75 29.33
CA LEU O 23 -9.83 -21.40 27.93
C LEU O 23 -9.73 -19.91 27.69
N TYR O 24 -8.69 -19.48 26.97
CA TYR O 24 -8.39 -18.09 26.66
C TYR O 24 -8.22 -17.89 25.13
N LYS O 25 -8.56 -16.70 24.66
CA LYS O 25 -8.21 -16.32 23.30
C LYS O 25 -7.83 -14.86 23.24
N GLY O 26 -7.07 -14.52 22.20
CA GLY O 26 -6.62 -13.20 22.03
C GLY O 26 -5.75 -13.12 20.83
N THR O 27 -5.57 -11.91 20.34
CA THR O 27 -4.53 -11.70 19.30
C THR O 27 -3.19 -12.19 19.83
N PRO O 28 -2.32 -12.78 18.98
CA PRO O 28 -1.08 -13.31 19.46
C PRO O 28 -0.15 -12.16 19.95
N PRO O 29 0.77 -12.47 20.92
CA PRO O 29 1.65 -11.38 21.36
C PRO O 29 2.62 -10.98 20.24
N THR O 30 2.97 -9.70 20.19
CA THR O 30 3.90 -9.18 19.18
C THR O 30 5.37 -9.00 19.69
N SER O 31 5.53 -9.04 21.02
CA SER O 31 6.85 -8.96 21.63
C SER O 31 6.77 -9.53 23.05
N ASP O 32 7.96 -9.74 23.61
CA ASP O 32 8.10 -10.21 25.00
C ASP O 32 7.66 -9.18 26.05
N ASN O 33 7.39 -7.95 25.62
CA ASN O 33 6.72 -6.93 26.51
C ASN O 33 5.21 -7.03 26.62
N ASP O 34 4.61 -7.95 25.84
CA ASP O 34 3.18 -8.17 25.74
C ASP O 34 2.79 -9.32 26.70
N ASN O 35 2.16 -8.94 27.80
CA ASN O 35 1.72 -9.95 28.76
C ASN O 35 0.38 -10.48 28.26
N TRP O 36 0.45 -11.56 27.50
CA TRP O 36 -0.69 -12.08 26.78
C TRP O 36 -1.74 -12.65 27.72
N LEU O 37 -1.32 -13.46 28.68
CA LEU O 37 -2.29 -14.08 29.58
C LEU O 37 -3.09 -13.02 30.34
N ALA O 38 -2.44 -11.90 30.63
CA ALA O 38 -3.11 -10.85 31.38
C ALA O 38 -4.17 -10.12 30.57
N ARG O 39 -3.94 -9.95 29.26
CA ARG O 39 -4.96 -9.33 28.38
C ARG O 39 -5.86 -10.28 27.54
N ALA O 40 -5.68 -11.59 27.65
CA ALA O 40 -6.44 -12.52 26.84
C ALA O 40 -7.88 -12.61 27.38
N THR O 41 -8.84 -12.83 26.48
CA THR O 41 -10.27 -13.00 26.85
C THR O 41 -10.53 -14.37 27.47
N LEU O 42 -10.97 -14.41 28.72
CA LEU O 42 -11.43 -15.62 29.34
C LEU O 42 -12.67 -16.06 28.61
N ILE O 43 -12.64 -17.21 27.96
CA ILE O 43 -13.82 -17.72 27.26
C ILE O 43 -14.29 -19.04 27.77
N GLY O 44 -13.73 -19.54 28.87
CA GLY O 44 -14.15 -20.81 29.44
C GLY O 44 -13.55 -20.92 30.85
N ASN O 45 -14.37 -21.16 31.86
CA ASN O 45 -13.68 -21.07 33.17
C ASN O 45 -13.49 -22.39 33.89
N GLY O 46 -13.58 -23.50 33.16
CA GLY O 46 -13.16 -24.78 33.61
C GLY O 46 -13.55 -25.91 32.66
N GLY O 47 -13.03 -27.10 32.96
CA GLY O 47 -13.29 -28.31 32.21
C GLY O 47 -12.47 -28.55 30.92
N TRP O 48 -11.54 -27.66 30.62
CA TRP O 48 -10.69 -27.80 29.39
C TRP O 48 -9.37 -28.53 29.54
#